data_2KUB
#
_entry.id   2KUB
#
_entity_poly.entity_id   1
_entity_poly.type   'polypeptide(L)'
_entity_poly.pdbx_seq_one_letter_code
;ENLDKMISEAEVLNDMAARKLITLDAEQQLELMKSLVATQSQLEATKNLIGDPNATVADLQIAYTTLGNNTQALGNELIK
L
;
_entity_poly.pdbx_strand_id   A
#
# COMPACT_ATOMS: atom_id res chain seq x y z
N GLU A 1 -5.41 -12.33 -11.50
CA GLU A 1 -5.82 -11.11 -12.24
C GLU A 1 -6.32 -10.02 -11.30
N ASN A 2 -7.01 -10.41 -10.23
CA ASN A 2 -7.54 -9.44 -9.27
C ASN A 2 -6.42 -8.68 -8.57
N LEU A 3 -5.29 -9.35 -8.40
CA LEU A 3 -4.15 -8.76 -7.71
C LEU A 3 -3.44 -7.76 -8.61
N ASP A 4 -3.51 -7.98 -9.92
CA ASP A 4 -2.97 -7.05 -10.90
C ASP A 4 -3.64 -5.69 -10.77
N LYS A 5 -4.92 -5.70 -10.40
CA LYS A 5 -5.64 -4.46 -10.18
C LYS A 5 -5.28 -3.89 -8.82
N MET A 6 -5.28 -4.76 -7.82
CA MET A 6 -5.00 -4.36 -6.45
C MET A 6 -3.61 -3.78 -6.30
N ILE A 7 -2.62 -4.43 -6.89
CA ILE A 7 -1.24 -4.00 -6.76
C ILE A 7 -1.04 -2.62 -7.39
N SER A 8 -1.59 -2.42 -8.58
CA SER A 8 -1.43 -1.15 -9.26
C SER A 8 -2.28 -0.09 -8.58
N GLU A 9 -3.44 -0.49 -8.07
CA GLU A 9 -4.29 0.38 -7.27
C GLU A 9 -3.53 0.86 -6.04
N ALA A 10 -2.76 -0.05 -5.44
CA ALA A 10 -1.96 0.29 -4.28
C ALA A 10 -0.75 1.13 -4.70
N GLU A 11 -0.27 0.92 -5.91
CA GLU A 11 0.75 1.80 -6.49
C GLU A 11 0.17 3.20 -6.67
N VAL A 12 -1.12 3.25 -7.01
CA VAL A 12 -1.84 4.53 -7.12
C VAL A 12 -1.97 5.18 -5.75
N LEU A 13 -2.40 4.39 -4.77
CA LEU A 13 -2.48 4.85 -3.39
C LEU A 13 -1.12 5.37 -2.93
N ASN A 14 -0.07 4.64 -3.25
CA ASN A 14 1.29 5.03 -2.92
C ASN A 14 1.64 6.36 -3.57
N ASP A 15 1.34 6.46 -4.86
CA ASP A 15 1.59 7.68 -5.62
C ASP A 15 0.84 8.86 -5.03
N MET A 16 -0.47 8.68 -4.80
CA MET A 16 -1.31 9.77 -4.33
C MET A 16 -0.90 10.20 -2.94
N ALA A 17 -0.52 9.23 -2.12
CA ALA A 17 -0.05 9.54 -0.78
C ALA A 17 1.27 10.26 -0.84
N ALA A 18 2.11 9.90 -1.80
CA ALA A 18 3.36 10.63 -2.02
C ALA A 18 3.06 12.09 -2.38
N ARG A 19 2.09 12.27 -3.28
CA ARG A 19 1.66 13.61 -3.71
C ARG A 19 1.14 14.41 -2.52
N LYS A 20 0.36 13.75 -1.69
CA LYS A 20 -0.20 14.38 -0.51
C LYS A 20 0.90 14.68 0.51
N LEU A 21 1.83 13.73 0.68
CA LEU A 21 2.93 13.88 1.62
C LEU A 21 3.70 15.17 1.37
N ILE A 22 4.11 15.38 0.13
CA ILE A 22 4.89 16.56 -0.23
C ILE A 22 4.09 17.86 -0.07
N THR A 23 2.78 17.76 0.05
CA THR A 23 1.95 18.94 0.24
C THR A 23 1.57 19.13 1.71
N LEU A 24 1.71 18.06 2.50
CA LEU A 24 1.33 18.10 3.91
C LEU A 24 2.41 18.73 4.77
N ASP A 25 2.00 19.20 5.94
CA ASP A 25 2.94 19.65 6.96
C ASP A 25 3.66 18.45 7.56
N ALA A 26 4.71 18.70 8.32
CA ALA A 26 5.63 17.64 8.73
C ALA A 26 4.94 16.51 9.49
N GLU A 27 4.28 16.84 10.60
CA GLU A 27 3.66 15.83 11.48
C GLU A 27 2.75 14.90 10.68
N GLN A 28 1.95 15.52 9.82
CA GLN A 28 0.96 14.78 9.05
C GLN A 28 1.67 13.98 7.97
N GLN A 29 2.74 14.55 7.42
CA GLN A 29 3.48 13.89 6.37
C GLN A 29 4.14 12.65 6.93
N LEU A 30 4.60 12.75 8.17
CA LEU A 30 5.31 11.67 8.82
C LEU A 30 4.35 10.53 9.12
N GLU A 31 3.21 10.85 9.71
CA GLU A 31 2.22 9.81 10.05
C GLU A 31 1.76 9.09 8.80
N LEU A 32 1.38 9.85 7.78
CA LEU A 32 0.96 9.26 6.53
C LEU A 32 2.14 8.61 5.81
N MET A 33 3.34 9.10 6.11
CA MET A 33 4.57 8.49 5.60
C MET A 33 4.72 7.09 6.14
N LYS A 34 4.48 6.91 7.43
CA LYS A 34 4.52 5.59 8.05
C LYS A 34 3.49 4.66 7.40
N SER A 35 2.26 5.15 7.26
CA SER A 35 1.23 4.38 6.57
C SER A 35 1.68 4.07 5.13
N LEU A 36 2.26 5.06 4.48
CA LEU A 36 2.82 4.90 3.14
C LEU A 36 3.90 3.82 3.13
N VAL A 37 4.78 3.86 4.12
CA VAL A 37 5.82 2.85 4.30
C VAL A 37 5.21 1.45 4.43
N ALA A 38 4.22 1.32 5.29
CA ALA A 38 3.54 0.04 5.45
C ALA A 38 2.92 -0.41 4.13
N THR A 39 2.19 0.51 3.50
CA THR A 39 1.56 0.25 2.21
C THR A 39 2.59 -0.16 1.17
N GLN A 40 3.62 0.67 0.99
CA GLN A 40 4.65 0.41 -0.03
C GLN A 40 5.42 -0.87 0.26
N SER A 41 5.59 -1.19 1.54
CA SER A 41 6.31 -2.38 1.93
C SER A 41 5.52 -3.63 1.56
N GLN A 42 4.24 -3.66 1.92
CA GLN A 42 3.39 -4.79 1.56
C GLN A 42 3.11 -4.75 0.07
N LEU A 43 3.14 -3.56 -0.51
CA LEU A 43 3.12 -3.39 -1.97
C LEU A 43 4.25 -4.18 -2.60
N GLU A 44 5.47 -3.91 -2.16
CA GLU A 44 6.65 -4.62 -2.64
C GLU A 44 6.52 -6.11 -2.37
N ALA A 45 5.99 -6.44 -1.20
CA ALA A 45 5.78 -7.83 -0.81
C ALA A 45 4.86 -8.53 -1.81
N THR A 46 3.70 -7.93 -2.06
CA THR A 46 2.73 -8.49 -2.99
C THR A 46 3.30 -8.54 -4.41
N LYS A 47 3.88 -7.42 -4.85
CA LYS A 47 4.56 -7.34 -6.15
C LYS A 47 5.55 -8.48 -6.32
N ASN A 48 6.23 -8.82 -5.24
CA ASN A 48 7.19 -9.92 -5.25
C ASN A 48 6.47 -11.27 -5.26
N LEU A 49 5.46 -11.39 -4.40
CA LEU A 49 4.76 -12.67 -4.22
C LEU A 49 3.99 -13.07 -5.46
N ILE A 50 3.42 -12.11 -6.18
CA ILE A 50 2.64 -12.43 -7.37
C ILE A 50 3.53 -13.03 -8.46
N GLY A 51 4.78 -12.59 -8.48
CA GLY A 51 5.75 -13.13 -9.42
C GLY A 51 6.47 -14.34 -8.87
N ASP A 52 6.46 -14.47 -7.56
CA ASP A 52 7.13 -15.57 -6.88
C ASP A 52 6.24 -16.82 -6.85
N PRO A 53 6.62 -17.87 -7.59
CA PRO A 53 5.87 -19.13 -7.62
C PRO A 53 6.03 -19.92 -6.33
N ASN A 54 6.94 -19.47 -5.50
CA ASN A 54 7.20 -20.09 -4.21
C ASN A 54 6.20 -19.57 -3.17
N ALA A 55 5.74 -18.34 -3.39
CA ALA A 55 4.69 -17.77 -2.56
C ALA A 55 3.41 -18.58 -2.70
N THR A 56 2.86 -19.02 -1.59
CA THR A 56 1.68 -19.86 -1.62
C THR A 56 0.43 -19.00 -1.64
N VAL A 57 -0.74 -19.61 -1.90
CA VAL A 57 -1.98 -18.86 -1.94
C VAL A 57 -2.19 -18.10 -0.62
N ALA A 58 -1.85 -18.75 0.50
CA ALA A 58 -1.98 -18.12 1.80
C ALA A 58 -1.04 -16.94 1.93
N ASP A 59 0.23 -17.14 1.59
CA ASP A 59 1.21 -16.05 1.65
C ASP A 59 0.73 -14.86 0.83
N LEU A 60 0.31 -15.16 -0.40
CA LEU A 60 -0.14 -14.15 -1.33
C LEU A 60 -1.41 -13.48 -0.83
N GLN A 61 -2.37 -14.29 -0.39
CA GLN A 61 -3.64 -13.77 0.12
C GLN A 61 -3.41 -12.91 1.37
N ILE A 62 -2.47 -13.33 2.22
CA ILE A 62 -2.11 -12.55 3.39
C ILE A 62 -1.48 -11.23 2.98
N ALA A 63 -0.63 -11.27 1.96
CA ALA A 63 -0.05 -10.05 1.41
C ALA A 63 -1.15 -9.13 0.91
N TYR A 64 -2.08 -9.71 0.15
CA TYR A 64 -3.25 -8.99 -0.31
C TYR A 64 -4.04 -8.42 0.85
N THR A 65 -4.18 -9.21 1.90
CA THR A 65 -4.91 -8.81 3.10
C THR A 65 -4.27 -7.57 3.73
N THR A 66 -2.99 -7.68 4.06
CA THR A 66 -2.27 -6.58 4.69
C THR A 66 -2.16 -5.38 3.75
N LEU A 67 -1.86 -5.60 2.48
CA LEU A 67 -1.82 -4.51 1.52
C LEU A 67 -3.17 -3.81 1.44
N GLY A 68 -4.23 -4.61 1.33
CA GLY A 68 -5.58 -4.08 1.39
C GLY A 68 -5.82 -3.27 2.65
N ASN A 69 -5.42 -3.80 3.79
CA ASN A 69 -5.58 -3.09 5.06
C ASN A 69 -4.76 -1.80 5.07
N ASN A 70 -3.55 -1.87 4.54
CA ASN A 70 -2.67 -0.70 4.45
C ASN A 70 -3.25 0.36 3.54
N THR A 71 -3.80 -0.03 2.41
CA THR A 71 -4.43 0.92 1.50
C THR A 71 -5.70 1.49 2.11
N GLN A 72 -6.46 0.64 2.77
CA GLN A 72 -7.63 1.09 3.54
C GLN A 72 -7.21 2.14 4.58
N ALA A 73 -6.13 1.86 5.27
CA ALA A 73 -5.64 2.72 6.33
C ALA A 73 -5.10 4.02 5.75
N LEU A 74 -4.15 3.89 4.82
CA LEU A 74 -3.55 5.04 4.16
C LEU A 74 -4.62 5.87 3.45
N GLY A 75 -5.51 5.19 2.73
CA GLY A 75 -6.62 5.86 2.10
C GLY A 75 -7.47 6.62 3.10
N ASN A 76 -7.76 5.99 4.23
CA ASN A 76 -8.48 6.67 5.30
C ASN A 76 -7.73 7.92 5.76
N GLU A 77 -6.41 7.80 5.84
CA GLU A 77 -5.55 8.91 6.23
C GLU A 77 -5.56 10.00 5.16
N LEU A 78 -5.65 9.59 3.89
CA LEU A 78 -5.71 10.54 2.79
C LEU A 78 -7.02 11.32 2.85
N ILE A 79 -8.10 10.62 3.19
CA ILE A 79 -9.42 11.22 3.28
C ILE A 79 -9.55 12.05 4.57
N LYS A 80 -8.73 11.73 5.56
CA LYS A 80 -8.74 12.43 6.84
C LYS A 80 -8.44 13.91 6.66
N LEU A 81 -7.44 14.21 5.86
CA LEU A 81 -6.99 15.57 5.66
C LEU A 81 -7.49 16.11 4.34
N GLU A 1 -4.40 -12.45 -10.94
CA GLU A 1 -5.32 -11.51 -11.64
C GLU A 1 -6.01 -10.59 -10.64
N ASN A 2 -6.41 -11.13 -9.50
CA ASN A 2 -7.11 -10.33 -8.49
C ASN A 2 -6.17 -9.37 -7.78
N LEU A 3 -4.96 -9.84 -7.50
CA LEU A 3 -3.98 -8.99 -6.84
C LEU A 3 -3.35 -8.03 -7.85
N ASP A 4 -3.38 -8.43 -9.11
CA ASP A 4 -2.96 -7.55 -10.21
C ASP A 4 -3.74 -6.23 -10.18
N LYS A 5 -4.99 -6.32 -9.77
CA LYS A 5 -5.85 -5.16 -9.67
C LYS A 5 -5.48 -4.37 -8.42
N MET A 6 -5.43 -5.10 -7.31
CA MET A 6 -5.17 -4.52 -6.00
C MET A 6 -3.79 -3.88 -5.94
N ILE A 7 -2.81 -4.50 -6.58
CA ILE A 7 -1.45 -4.02 -6.52
C ILE A 7 -1.33 -2.68 -7.25
N SER A 8 -2.01 -2.56 -8.39
CA SER A 8 -1.93 -1.33 -9.18
C SER A 8 -2.73 -0.23 -8.49
N GLU A 9 -3.84 -0.63 -7.87
CA GLU A 9 -4.64 0.28 -7.09
C GLU A 9 -3.82 0.81 -5.91
N ALA A 10 -2.97 -0.07 -5.37
CA ALA A 10 -2.11 0.31 -4.27
C ALA A 10 -0.98 1.19 -4.78
N GLU A 11 -0.48 0.91 -5.99
CA GLU A 11 0.49 1.79 -6.63
C GLU A 11 -0.08 3.19 -6.74
N VAL A 12 -1.37 3.28 -7.04
CA VAL A 12 -2.07 4.55 -7.07
C VAL A 12 -2.07 5.19 -5.69
N LEU A 13 -2.43 4.39 -4.69
CA LEU A 13 -2.42 4.83 -3.29
C LEU A 13 -1.05 5.38 -2.89
N ASN A 14 0.01 4.66 -3.26
CA ASN A 14 1.37 5.11 -2.96
C ASN A 14 1.65 6.44 -3.63
N ASP A 15 1.25 6.55 -4.89
CA ASP A 15 1.44 7.77 -5.66
C ASP A 15 0.71 8.94 -5.03
N MET A 16 -0.55 8.71 -4.67
CA MET A 16 -1.39 9.78 -4.13
C MET A 16 -0.87 10.21 -2.77
N ALA A 17 -0.40 9.26 -1.99
CA ALA A 17 0.11 9.54 -0.66
C ALA A 17 1.46 10.23 -0.73
N ALA A 18 2.30 9.83 -1.67
CA ALA A 18 3.59 10.49 -1.86
C ALA A 18 3.36 11.96 -2.21
N ARG A 19 2.42 12.18 -3.11
CA ARG A 19 2.04 13.52 -3.54
C ARG A 19 1.31 14.26 -2.42
N LYS A 20 0.70 13.50 -1.52
CA LYS A 20 0.04 14.06 -0.35
C LYS A 20 1.08 14.51 0.67
N LEU A 21 2.08 13.66 0.88
CA LEU A 21 3.16 13.94 1.83
C LEU A 21 3.80 15.29 1.58
N ILE A 22 4.17 15.55 0.33
CA ILE A 22 4.85 16.79 -0.03
C ILE A 22 3.96 18.02 0.16
N THR A 23 2.65 17.83 0.23
CA THR A 23 1.74 18.95 0.42
C THR A 23 1.42 19.14 1.90
N LEU A 24 1.63 18.10 2.69
CA LEU A 24 1.31 18.12 4.10
C LEU A 24 2.44 18.70 4.93
N ASP A 25 2.10 19.16 6.13
CA ASP A 25 3.10 19.61 7.09
C ASP A 25 3.73 18.40 7.76
N ALA A 26 4.84 18.61 8.46
CA ALA A 26 5.69 17.53 8.93
C ALA A 26 4.93 16.43 9.67
N GLU A 27 4.18 16.79 10.72
CA GLU A 27 3.54 15.77 11.55
C GLU A 27 2.57 14.93 10.76
N GLN A 28 1.81 15.56 9.87
CA GLN A 28 0.81 14.85 9.08
C GLN A 28 1.51 14.06 8.00
N GLN A 29 2.57 14.64 7.45
CA GLN A 29 3.37 13.98 6.44
C GLN A 29 3.99 12.72 7.01
N LEU A 30 4.41 12.81 8.26
CA LEU A 30 5.10 11.71 8.92
C LEU A 30 4.13 10.58 9.20
N GLU A 31 2.93 10.94 9.64
CA GLU A 31 1.89 9.96 9.96
C GLU A 31 1.45 9.22 8.70
N LEU A 32 1.19 9.95 7.64
CA LEU A 32 0.83 9.32 6.38
C LEU A 32 2.07 8.64 5.76
N MET A 33 3.25 9.14 6.13
CA MET A 33 4.50 8.56 5.64
C MET A 33 4.67 7.13 6.14
N LYS A 34 4.45 6.90 7.43
CA LYS A 34 4.60 5.57 7.98
C LYS A 34 3.60 4.61 7.34
N SER A 35 2.39 5.08 7.12
CA SER A 35 1.39 4.30 6.40
C SER A 35 1.84 4.07 4.95
N LEU A 36 2.39 5.12 4.33
CA LEU A 36 2.99 5.02 3.00
C LEU A 36 4.07 3.93 2.99
N VAL A 37 4.94 3.97 3.99
CA VAL A 37 5.98 2.96 4.17
C VAL A 37 5.38 1.57 4.30
N ALA A 38 4.38 1.42 5.15
CA ALA A 38 3.73 0.14 5.31
C ALA A 38 3.11 -0.32 3.99
N THR A 39 2.41 0.58 3.33
CA THR A 39 1.81 0.31 2.03
C THR A 39 2.85 -0.11 1.01
N GLN A 40 3.91 0.69 0.86
CA GLN A 40 4.96 0.39 -0.13
C GLN A 40 5.69 -0.90 0.21
N SER A 41 5.76 -1.21 1.50
CA SER A 41 6.43 -2.42 1.94
C SER A 41 5.66 -3.65 1.49
N GLN A 42 4.35 -3.64 1.74
CA GLN A 42 3.50 -4.75 1.32
C GLN A 42 3.26 -4.69 -0.19
N LEU A 43 3.31 -3.50 -0.75
CA LEU A 43 3.33 -3.33 -2.19
C LEU A 43 4.46 -4.17 -2.79
N GLU A 44 5.67 -3.93 -2.30
CA GLU A 44 6.84 -4.65 -2.75
C GLU A 44 6.72 -6.15 -2.45
N ALA A 45 6.23 -6.45 -1.25
CA ALA A 45 6.04 -7.83 -0.83
C ALA A 45 5.14 -8.58 -1.81
N THR A 46 4.02 -7.98 -2.14
CA THR A 46 3.08 -8.56 -3.10
C THR A 46 3.73 -8.69 -4.47
N LYS A 47 4.39 -7.62 -4.92
CA LYS A 47 5.16 -7.64 -6.17
C LYS A 47 6.09 -8.85 -6.22
N ASN A 48 6.71 -9.16 -5.10
CA ASN A 48 7.61 -10.29 -5.02
C ASN A 48 6.84 -11.61 -5.03
N LEU A 49 5.74 -11.66 -4.29
CA LEU A 49 4.96 -12.87 -4.14
C LEU A 49 4.23 -13.28 -5.41
N ILE A 50 3.74 -12.31 -6.17
CA ILE A 50 2.99 -12.62 -7.38
C ILE A 50 3.89 -13.30 -8.42
N GLY A 51 5.14 -12.87 -8.46
CA GLY A 51 6.11 -13.47 -9.37
C GLY A 51 6.77 -14.70 -8.79
N ASP A 52 6.64 -14.87 -7.48
CA ASP A 52 7.27 -15.98 -6.79
C ASP A 52 6.43 -17.26 -6.90
N PRO A 53 7.01 -18.33 -7.46
CA PRO A 53 6.30 -19.60 -7.65
C PRO A 53 6.16 -20.41 -6.36
N ASN A 54 6.95 -20.06 -5.36
CA ASN A 54 6.87 -20.73 -4.07
C ASN A 54 5.74 -20.15 -3.23
N ALA A 55 5.46 -18.87 -3.45
CA ALA A 55 4.32 -18.23 -2.82
C ALA A 55 3.02 -18.82 -3.34
N THR A 56 2.11 -19.10 -2.43
CA THR A 56 0.84 -19.71 -2.82
C THR A 56 -0.28 -18.70 -2.69
N VAL A 57 -1.51 -19.12 -2.99
CA VAL A 57 -2.66 -18.24 -2.92
C VAL A 57 -2.79 -17.62 -1.53
N ALA A 58 -2.48 -18.40 -0.51
CA ALA A 58 -2.52 -17.91 0.87
C ALA A 58 -1.48 -16.82 1.09
N ASP A 59 -0.25 -17.04 0.63
CA ASP A 59 0.80 -16.03 0.74
C ASP A 59 0.35 -14.73 0.10
N LEU A 60 -0.18 -14.85 -1.12
CA LEU A 60 -0.69 -13.70 -1.85
C LEU A 60 -1.85 -13.06 -1.12
N GLN A 61 -2.79 -13.89 -0.67
CA GLN A 61 -3.98 -13.41 0.02
C GLN A 61 -3.62 -12.66 1.30
N ILE A 62 -2.63 -13.17 2.02
CA ILE A 62 -2.13 -12.51 3.21
C ILE A 62 -1.50 -11.17 2.85
N ALA A 63 -0.68 -11.17 1.81
CA ALA A 63 -0.08 -9.92 1.33
C ALA A 63 -1.18 -8.95 0.91
N TYR A 64 -2.18 -9.48 0.22
CA TYR A 64 -3.36 -8.73 -0.18
C TYR A 64 -4.09 -8.18 1.04
N THR A 65 -4.14 -8.98 2.10
CA THR A 65 -4.80 -8.58 3.33
C THR A 65 -4.08 -7.40 3.98
N THR A 66 -2.76 -7.54 4.16
CA THR A 66 -1.97 -6.49 4.76
C THR A 66 -1.90 -5.27 3.85
N LEU A 67 -1.62 -5.46 2.57
CA LEU A 67 -1.60 -4.35 1.62
C LEU A 67 -2.96 -3.67 1.56
N GLY A 68 -4.01 -4.48 1.42
CA GLY A 68 -5.36 -3.98 1.46
C GLY A 68 -5.65 -3.18 2.71
N ASN A 69 -5.20 -3.69 3.85
CA ASN A 69 -5.37 -2.99 5.12
C ASN A 69 -4.65 -1.64 5.09
N ASN A 70 -3.39 -1.68 4.67
CA ASN A 70 -2.56 -0.48 4.62
C ASN A 70 -3.10 0.55 3.63
N THR A 71 -3.63 0.08 2.51
CA THR A 71 -4.20 1.00 1.53
C THR A 71 -5.52 1.59 2.04
N GLN A 72 -6.39 0.74 2.55
CA GLN A 72 -7.62 1.20 3.18
C GLN A 72 -7.33 2.22 4.30
N ALA A 73 -6.23 1.98 5.02
CA ALA A 73 -5.82 2.86 6.10
C ALA A 73 -5.26 4.17 5.53
N LEU A 74 -4.30 4.04 4.63
CA LEU A 74 -3.66 5.20 4.01
C LEU A 74 -4.69 6.03 3.21
N GLY A 75 -5.50 5.34 2.43
CA GLY A 75 -6.58 5.99 1.71
C GLY A 75 -7.54 6.71 2.64
N ASN A 76 -7.79 6.10 3.80
CA ASN A 76 -8.60 6.74 4.83
C ASN A 76 -7.90 8.01 5.34
N GLU A 77 -6.59 7.96 5.45
CA GLU A 77 -5.81 9.10 5.91
C GLU A 77 -5.71 10.18 4.83
N LEU A 78 -5.85 9.77 3.58
CA LEU A 78 -5.98 10.75 2.49
C LEU A 78 -7.29 11.51 2.67
N ILE A 79 -8.26 10.85 3.27
CA ILE A 79 -9.56 11.43 3.55
C ILE A 79 -9.52 12.25 4.84
N LYS A 80 -8.59 11.91 5.72
CA LYS A 80 -8.39 12.63 6.98
C LYS A 80 -8.05 14.09 6.73
N LEU A 81 -7.46 14.36 5.57
CA LEU A 81 -7.06 15.71 5.23
C LEU A 81 -7.58 16.10 3.85
N GLU A 1 -6.17 -12.21 -10.79
CA GLU A 1 -6.74 -10.97 -11.36
C GLU A 1 -6.95 -9.92 -10.27
N ASN A 2 -7.39 -10.37 -9.09
CA ASN A 2 -7.70 -9.44 -8.01
C ASN A 2 -6.44 -8.77 -7.46
N LEU A 3 -5.30 -9.44 -7.59
CA LEU A 3 -4.03 -8.88 -7.14
C LEU A 3 -3.53 -7.87 -8.15
N ASP A 4 -3.75 -8.15 -9.42
CA ASP A 4 -3.41 -7.23 -10.51
C ASP A 4 -4.09 -5.87 -10.33
N LYS A 5 -5.31 -5.91 -9.82
CA LYS A 5 -6.06 -4.69 -9.60
C LYS A 5 -5.59 -4.01 -8.32
N MET A 6 -5.52 -4.79 -7.25
CA MET A 6 -5.08 -4.28 -5.96
C MET A 6 -3.67 -3.74 -6.01
N ILE A 7 -2.78 -4.41 -6.71
CA ILE A 7 -1.39 -4.00 -6.75
C ILE A 7 -1.25 -2.64 -7.42
N SER A 8 -1.99 -2.43 -8.51
CA SER A 8 -1.89 -1.18 -9.25
C SER A 8 -2.61 -0.08 -8.48
N GLU A 9 -3.70 -0.44 -7.82
CA GLU A 9 -4.43 0.50 -6.98
C GLU A 9 -3.55 0.93 -5.81
N ALA A 10 -2.73 0.01 -5.32
CA ALA A 10 -1.82 0.31 -4.23
C ALA A 10 -0.64 1.13 -4.74
N GLU A 11 -0.25 0.90 -6.00
CA GLU A 11 0.73 1.76 -6.65
C GLU A 11 0.17 3.18 -6.77
N VAL A 12 -1.13 3.27 -7.01
CA VAL A 12 -1.82 4.54 -7.02
C VAL A 12 -1.82 5.15 -5.63
N LEU A 13 -2.14 4.33 -4.63
CA LEU A 13 -2.18 4.75 -3.24
C LEU A 13 -0.83 5.28 -2.76
N ASN A 14 0.27 4.57 -3.03
CA ASN A 14 1.57 5.01 -2.55
C ASN A 14 1.95 6.31 -3.26
N ASP A 15 1.57 6.41 -4.52
CA ASP A 15 1.76 7.64 -5.29
C ASP A 15 0.95 8.77 -4.69
N MET A 16 -0.30 8.47 -4.34
CA MET A 16 -1.21 9.47 -3.80
C MET A 16 -0.71 9.96 -2.45
N ALA A 17 -0.14 9.06 -1.68
CA ALA A 17 0.43 9.41 -0.40
C ALA A 17 1.70 10.22 -0.60
N ALA A 18 2.53 9.83 -1.56
CA ALA A 18 3.74 10.59 -1.85
C ALA A 18 3.41 12.04 -2.19
N ARG A 19 2.44 12.22 -3.08
CA ARG A 19 2.04 13.56 -3.52
C ARG A 19 1.25 14.28 -2.42
N LYS A 20 0.65 13.51 -1.51
CA LYS A 20 -0.06 14.09 -0.37
C LYS A 20 0.92 14.50 0.72
N LEU A 21 1.98 13.72 0.89
CA LEU A 21 3.01 13.99 1.89
C LEU A 21 3.60 15.38 1.71
N ILE A 22 3.93 15.71 0.47
CA ILE A 22 4.53 17.00 0.16
C ILE A 22 3.55 18.17 0.29
N THR A 23 2.25 17.87 0.33
CA THR A 23 1.25 18.93 0.44
C THR A 23 0.83 19.17 1.89
N LEU A 24 0.91 18.14 2.72
CA LEU A 24 0.46 18.24 4.11
C LEU A 24 1.56 18.78 5.03
N ASP A 25 1.18 19.10 6.26
CA ASP A 25 2.14 19.50 7.29
C ASP A 25 3.09 18.36 7.63
N ALA A 26 4.27 18.70 8.16
CA ALA A 26 5.28 17.70 8.47
C ALA A 26 4.72 16.55 9.30
N GLU A 27 4.04 16.86 10.40
CA GLU A 27 3.51 15.84 11.29
C GLU A 27 2.57 14.90 10.54
N GLN A 28 1.82 15.46 9.61
CA GLN A 28 0.87 14.68 8.83
C GLN A 28 1.64 13.87 7.80
N GLN A 29 2.66 14.50 7.22
CA GLN A 29 3.53 13.84 6.27
C GLN A 29 4.17 12.61 6.89
N LEU A 30 4.53 12.72 8.16
CA LEU A 30 5.24 11.65 8.85
C LEU A 30 4.29 10.48 9.13
N GLU A 31 3.08 10.80 9.59
CA GLU A 31 2.11 9.76 9.88
C GLU A 31 1.65 9.07 8.60
N LEU A 32 1.38 9.86 7.57
CA LEU A 32 1.03 9.29 6.27
C LEU A 32 2.23 8.56 5.70
N MET A 33 3.43 9.01 6.05
CA MET A 33 4.65 8.34 5.64
C MET A 33 4.72 6.95 6.24
N LYS A 34 4.29 6.83 7.48
CA LYS A 34 4.24 5.52 8.14
C LYS A 34 3.32 4.58 7.38
N SER A 35 2.10 5.04 7.11
CA SER A 35 1.15 4.27 6.32
C SER A 35 1.70 4.02 4.90
N LEU A 36 2.38 5.03 4.37
CA LEU A 36 3.08 4.92 3.09
C LEU A 36 4.08 3.76 3.13
N VAL A 37 4.94 3.76 4.15
CA VAL A 37 5.91 2.70 4.36
C VAL A 37 5.23 1.33 4.43
N ALA A 38 4.16 1.22 5.19
CA ALA A 38 3.43 -0.04 5.29
C ALA A 38 2.86 -0.43 3.92
N THR A 39 2.23 0.53 3.26
CA THR A 39 1.66 0.30 1.94
C THR A 39 2.74 -0.13 0.93
N GLN A 40 3.79 0.67 0.81
CA GLN A 40 4.86 0.39 -0.15
C GLN A 40 5.53 -0.96 0.15
N SER A 41 5.65 -1.27 1.44
CA SER A 41 6.32 -2.50 1.86
C SER A 41 5.53 -3.71 1.38
N GLN A 42 4.24 -3.72 1.66
CA GLN A 42 3.39 -4.84 1.25
C GLN A 42 3.06 -4.76 -0.23
N LEU A 43 3.07 -3.55 -0.79
CA LEU A 43 3.03 -3.36 -2.23
C LEU A 43 4.16 -4.16 -2.89
N GLU A 44 5.36 -3.86 -2.44
CA GLU A 44 6.55 -4.53 -2.93
C GLU A 44 6.51 -6.02 -2.63
N ALA A 45 6.02 -6.34 -1.44
CA ALA A 45 5.87 -7.73 -1.04
C ALA A 45 4.95 -8.48 -2.00
N THR A 46 3.78 -7.92 -2.27
CA THR A 46 2.83 -8.53 -3.19
C THR A 46 3.42 -8.62 -4.60
N LYS A 47 3.97 -7.50 -5.06
CA LYS A 47 4.65 -7.45 -6.37
C LYS A 47 5.71 -8.54 -6.49
N ASN A 48 6.38 -8.82 -5.38
CA ASN A 48 7.38 -9.87 -5.32
C ASN A 48 6.72 -11.25 -5.32
N LEU A 49 5.69 -11.39 -4.49
CA LEU A 49 5.03 -12.67 -4.27
C LEU A 49 4.32 -13.17 -5.52
N ILE A 50 3.71 -12.27 -6.29
CA ILE A 50 2.96 -12.68 -7.48
C ILE A 50 3.86 -13.38 -8.50
N GLY A 51 5.13 -13.00 -8.50
CA GLY A 51 6.08 -13.61 -9.42
C GLY A 51 6.84 -14.76 -8.77
N ASP A 52 6.79 -14.83 -7.45
CA ASP A 52 7.52 -15.86 -6.71
C ASP A 52 6.74 -17.16 -6.67
N PRO A 53 7.39 -18.28 -7.05
CA PRO A 53 6.76 -19.60 -7.08
C PRO A 53 6.70 -20.28 -5.71
N ASN A 54 7.48 -19.75 -4.77
CA ASN A 54 7.51 -20.30 -3.41
C ASN A 54 6.34 -19.74 -2.62
N ALA A 55 5.98 -18.51 -2.96
CA ALA A 55 4.82 -17.86 -2.38
C ALA A 55 3.56 -18.66 -2.68
N THR A 56 2.79 -18.98 -1.66
CA THR A 56 1.60 -19.79 -1.84
C THR A 56 0.36 -18.91 -1.96
N VAL A 57 -0.78 -19.53 -2.23
CA VAL A 57 -2.05 -18.80 -2.27
C VAL A 57 -2.28 -18.07 -0.94
N ALA A 58 -1.86 -18.69 0.15
CA ALA A 58 -1.98 -18.08 1.47
C ALA A 58 -1.05 -16.88 1.60
N ASP A 59 0.18 -17.00 1.11
CA ASP A 59 1.11 -15.87 1.11
C ASP A 59 0.53 -14.70 0.34
N LEU A 60 0.01 -15.01 -0.85
CA LEU A 60 -0.61 -14.00 -1.70
C LEU A 60 -1.84 -13.41 -1.02
N GLN A 61 -2.64 -14.26 -0.39
CA GLN A 61 -3.83 -13.82 0.32
C GLN A 61 -3.45 -12.90 1.49
N ILE A 62 -2.41 -13.28 2.23
CA ILE A 62 -1.91 -12.47 3.33
C ILE A 62 -1.41 -11.13 2.80
N ALA A 63 -0.70 -11.16 1.69
CA ALA A 63 -0.25 -9.93 1.04
C ALA A 63 -1.46 -9.07 0.68
N TYR A 64 -2.45 -9.69 0.05
CA TYR A 64 -3.70 -9.03 -0.29
C TYR A 64 -4.36 -8.44 0.96
N THR A 65 -4.37 -9.22 2.03
CA THR A 65 -4.99 -8.83 3.29
C THR A 65 -4.34 -7.56 3.83
N THR A 66 -3.04 -7.65 4.08
CA THR A 66 -2.29 -6.53 4.64
C THR A 66 -2.25 -5.34 3.69
N LEU A 67 -1.94 -5.57 2.42
CA LEU A 67 -1.90 -4.49 1.45
C LEU A 67 -3.25 -3.79 1.35
N GLY A 68 -4.30 -4.60 1.17
CA GLY A 68 -5.65 -4.07 1.14
C GLY A 68 -5.99 -3.26 2.38
N ASN A 69 -5.59 -3.76 3.55
CA ASN A 69 -5.82 -3.04 4.79
C ASN A 69 -5.03 -1.73 4.81
N ASN A 70 -3.82 -1.79 4.29
CA ASN A 70 -2.93 -0.62 4.22
C ASN A 70 -3.47 0.43 3.27
N THR A 71 -4.05 0.02 2.15
CA THR A 71 -4.62 0.98 1.22
C THR A 71 -5.87 1.62 1.81
N GLN A 72 -6.70 0.79 2.45
CA GLN A 72 -7.85 1.29 3.22
C GLN A 72 -7.39 2.30 4.28
N ALA A 73 -6.30 1.96 4.96
CA ALA A 73 -5.78 2.79 6.04
C ALA A 73 -5.19 4.09 5.47
N LEU A 74 -4.27 3.93 4.53
CA LEU A 74 -3.61 5.05 3.89
C LEU A 74 -4.63 5.93 3.18
N GLY A 75 -5.59 5.30 2.52
CA GLY A 75 -6.70 6.03 1.92
C GLY A 75 -7.38 6.94 2.92
N ASN A 76 -7.69 6.40 4.10
CA ASN A 76 -8.28 7.22 5.16
C ASN A 76 -7.31 8.32 5.59
N GLU A 77 -6.02 8.02 5.60
CA GLU A 77 -5.00 9.01 5.97
C GLU A 77 -4.91 10.11 4.91
N LEU A 78 -5.18 9.76 3.66
CA LEU A 78 -5.18 10.74 2.57
C LEU A 78 -6.37 11.68 2.73
N ILE A 79 -7.41 11.18 3.38
CA ILE A 79 -8.63 11.94 3.62
C ILE A 79 -8.50 12.79 4.88
N LYS A 80 -7.57 12.39 5.75
CA LYS A 80 -7.38 13.01 7.06
C LYS A 80 -7.32 14.54 6.97
N LEU A 81 -6.24 15.06 6.38
CA LEU A 81 -6.00 16.50 6.29
C LEU A 81 -6.17 17.18 7.64
N GLU A 1 -5.93 -12.19 -10.77
CA GLU A 1 -6.62 -11.03 -11.36
C GLU A 1 -7.09 -10.06 -10.29
N ASN A 2 -7.44 -10.59 -9.12
CA ASN A 2 -7.89 -9.76 -8.01
C ASN A 2 -6.74 -8.90 -7.50
N LEU A 3 -5.56 -9.48 -7.37
CA LEU A 3 -4.41 -8.76 -6.84
C LEU A 3 -3.84 -7.82 -7.91
N ASP A 4 -3.98 -8.21 -9.17
CA ASP A 4 -3.62 -7.36 -10.30
C ASP A 4 -4.27 -5.98 -10.18
N LYS A 5 -5.50 -5.97 -9.73
CA LYS A 5 -6.24 -4.72 -9.55
C LYS A 5 -5.78 -4.02 -8.28
N MET A 6 -5.73 -4.79 -7.20
CA MET A 6 -5.38 -4.27 -5.89
C MET A 6 -3.96 -3.72 -5.86
N ILE A 7 -3.03 -4.40 -6.52
CA ILE A 7 -1.64 -3.98 -6.49
C ILE A 7 -1.47 -2.66 -7.22
N SER A 8 -2.20 -2.50 -8.32
CA SER A 8 -2.11 -1.29 -9.11
C SER A 8 -2.83 -0.16 -8.38
N GLU A 9 -3.93 -0.50 -7.72
CA GLU A 9 -4.64 0.44 -6.87
C GLU A 9 -3.73 0.91 -5.75
N ALA A 10 -2.89 0.00 -5.26
CA ALA A 10 -1.94 0.34 -4.22
C ALA A 10 -0.82 1.19 -4.78
N GLU A 11 -0.44 0.95 -6.02
CA GLU A 11 0.52 1.83 -6.69
C GLU A 11 -0.05 3.24 -6.78
N VAL A 12 -1.35 3.32 -7.10
CA VAL A 12 -2.05 4.60 -7.14
C VAL A 12 -2.05 5.23 -5.75
N LEU A 13 -2.42 4.44 -4.75
CA LEU A 13 -2.41 4.88 -3.36
C LEU A 13 -1.05 5.40 -2.93
N ASN A 14 0.01 4.68 -3.30
CA ASN A 14 1.36 5.10 -2.95
C ASN A 14 1.68 6.44 -3.60
N ASP A 15 1.31 6.57 -4.87
CA ASP A 15 1.57 7.78 -5.62
C ASP A 15 0.77 8.96 -5.05
N MET A 16 -0.51 8.71 -4.76
CA MET A 16 -1.39 9.77 -4.27
C MET A 16 -0.97 10.19 -2.89
N ALA A 17 -0.56 9.23 -2.08
CA ALA A 17 -0.11 9.52 -0.73
C ALA A 17 1.21 10.24 -0.76
N ALA A 18 2.07 9.90 -1.72
CA ALA A 18 3.31 10.63 -1.91
C ALA A 18 3.01 12.10 -2.19
N ARG A 19 1.98 12.34 -3.02
CA ARG A 19 1.53 13.69 -3.33
C ARG A 19 0.98 14.36 -2.07
N LYS A 20 0.24 13.59 -1.29
CA LYS A 20 -0.35 14.09 -0.05
C LYS A 20 0.74 14.44 0.96
N LEU A 21 1.74 13.56 1.07
CA LEU A 21 2.86 13.76 1.97
C LEU A 21 3.53 15.11 1.74
N ILE A 22 3.93 15.35 0.50
CA ILE A 22 4.67 16.57 0.14
C ILE A 22 3.81 17.83 0.26
N THR A 23 2.49 17.69 0.22
CA THR A 23 1.61 18.85 0.35
C THR A 23 1.23 19.10 1.81
N LEU A 24 1.44 18.09 2.64
CA LEU A 24 1.16 18.19 4.07
C LEU A 24 2.37 18.74 4.81
N ASP A 25 2.14 19.19 6.04
CA ASP A 25 3.23 19.61 6.91
C ASP A 25 3.99 18.39 7.41
N ALA A 26 5.07 18.63 8.16
CA ALA A 26 6.01 17.57 8.51
C ALA A 26 5.35 16.43 9.30
N GLU A 27 4.70 16.74 10.42
CA GLU A 27 4.17 15.70 11.30
C GLU A 27 3.09 14.90 10.60
N GLN A 28 2.32 15.58 9.76
CA GLN A 28 1.26 14.93 9.01
C GLN A 28 1.87 14.03 7.94
N GLN A 29 2.93 14.54 7.32
CA GLN A 29 3.65 13.79 6.31
C GLN A 29 4.23 12.53 6.93
N LEU A 30 4.72 12.67 8.16
CA LEU A 30 5.41 11.59 8.84
C LEU A 30 4.45 10.44 9.14
N GLU A 31 3.29 10.80 9.66
CA GLU A 31 2.27 9.82 10.02
C GLU A 31 1.79 9.08 8.77
N LEU A 32 1.39 9.84 7.76
CA LEU A 32 0.93 9.23 6.52
C LEU A 32 2.08 8.53 5.82
N MET A 33 3.31 8.97 6.09
CA MET A 33 4.50 8.33 5.54
C MET A 33 4.67 6.95 6.15
N LYS A 34 4.37 6.82 7.45
CA LYS A 34 4.39 5.51 8.09
C LYS A 34 3.45 4.55 7.38
N SER A 35 2.22 5.00 7.15
CA SER A 35 1.25 4.22 6.42
C SER A 35 1.72 3.98 4.99
N LEU A 36 2.28 5.02 4.37
CA LEU A 36 2.89 4.92 3.05
C LEU A 36 3.95 3.81 3.04
N VAL A 37 4.82 3.83 4.03
CA VAL A 37 5.84 2.80 4.20
C VAL A 37 5.21 1.41 4.29
N ALA A 38 4.16 1.27 5.07
CA ALA A 38 3.48 -0.02 5.17
C ALA A 38 2.89 -0.43 3.82
N THR A 39 2.23 0.53 3.17
CA THR A 39 1.64 0.30 1.86
C THR A 39 2.70 -0.09 0.83
N GLN A 40 3.76 0.69 0.72
CA GLN A 40 4.84 0.41 -0.23
C GLN A 40 5.54 -0.90 0.11
N SER A 41 5.59 -1.21 1.40
CA SER A 41 6.24 -2.44 1.85
C SER A 41 5.47 -3.65 1.35
N GLN A 42 4.15 -3.65 1.56
CA GLN A 42 3.32 -4.74 1.07
C GLN A 42 3.17 -4.68 -0.44
N LEU A 43 3.22 -3.48 -1.00
CA LEU A 43 3.30 -3.31 -2.44
C LEU A 43 4.48 -4.12 -2.99
N GLU A 44 5.65 -3.86 -2.43
CA GLU A 44 6.87 -4.56 -2.80
C GLU A 44 6.76 -6.05 -2.50
N ALA A 45 6.22 -6.36 -1.33
CA ALA A 45 6.04 -7.74 -0.90
C ALA A 45 5.19 -8.53 -1.88
N THR A 46 4.07 -7.97 -2.28
CA THR A 46 3.19 -8.63 -3.24
C THR A 46 3.88 -8.76 -4.59
N LYS A 47 4.50 -7.67 -5.05
CA LYS A 47 5.29 -7.70 -6.30
C LYS A 47 6.33 -8.81 -6.26
N ASN A 48 6.86 -9.09 -5.08
CA ASN A 48 7.81 -10.17 -4.90
C ASN A 48 7.10 -11.51 -4.91
N LEU A 49 6.06 -11.63 -4.11
CA LEU A 49 5.36 -12.89 -3.91
C LEU A 49 4.71 -13.40 -5.19
N ILE A 50 4.26 -12.49 -6.05
CA ILE A 50 3.62 -12.90 -7.30
C ILE A 50 4.63 -13.57 -8.23
N GLY A 51 5.90 -13.20 -8.11
CA GLY A 51 6.94 -13.78 -8.92
C GLY A 51 7.66 -14.92 -8.20
N ASP A 52 7.43 -15.02 -6.90
CA ASP A 52 8.09 -16.02 -6.07
C ASP A 52 7.37 -17.37 -6.19
N PRO A 53 8.12 -18.43 -6.54
CA PRO A 53 7.55 -19.76 -6.77
C PRO A 53 7.20 -20.48 -5.47
N ASN A 54 7.80 -20.02 -4.37
CA ASN A 54 7.54 -20.60 -3.06
C ASN A 54 6.23 -20.05 -2.52
N ALA A 55 5.98 -18.78 -2.79
CA ALA A 55 4.74 -18.14 -2.40
C ALA A 55 3.56 -18.79 -3.08
N THR A 56 2.48 -18.98 -2.35
CA THR A 56 1.28 -19.58 -2.90
C THR A 56 0.12 -18.60 -2.78
N VAL A 57 -1.08 -19.05 -3.14
CA VAL A 57 -2.26 -18.20 -3.13
C VAL A 57 -2.47 -17.59 -1.75
N ALA A 58 -2.28 -18.40 -0.71
CA ALA A 58 -2.42 -17.92 0.66
C ALA A 58 -1.43 -16.80 0.96
N ASP A 59 -0.17 -16.97 0.58
CA ASP A 59 0.84 -15.92 0.78
C ASP A 59 0.40 -14.63 0.10
N LEU A 60 -0.02 -14.77 -1.16
CA LEU A 60 -0.50 -13.63 -1.93
C LEU A 60 -1.74 -13.02 -1.28
N GLN A 61 -2.66 -13.87 -0.87
CA GLN A 61 -3.91 -13.42 -0.25
C GLN A 61 -3.63 -12.68 1.06
N ILE A 62 -2.68 -13.18 1.84
CA ILE A 62 -2.27 -12.52 3.07
C ILE A 62 -1.60 -11.18 2.76
N ALA A 63 -0.73 -11.18 1.76
CA ALA A 63 -0.12 -9.94 1.30
C ALA A 63 -1.19 -8.96 0.87
N TYR A 64 -2.16 -9.47 0.13
CA TYR A 64 -3.31 -8.69 -0.30
C TYR A 64 -4.11 -8.17 0.90
N THR A 65 -4.29 -9.02 1.90
CA THR A 65 -5.05 -8.65 3.09
C THR A 65 -4.41 -7.45 3.78
N THR A 66 -3.11 -7.56 4.04
CA THR A 66 -2.36 -6.48 4.66
C THR A 66 -2.27 -5.26 3.73
N LEU A 67 -1.97 -5.48 2.46
CA LEU A 67 -1.91 -4.38 1.49
C LEU A 67 -3.24 -3.65 1.41
N GLY A 68 -4.30 -4.42 1.22
CA GLY A 68 -5.65 -3.87 1.23
C GLY A 68 -5.95 -3.08 2.49
N ASN A 69 -5.54 -3.62 3.63
CA ASN A 69 -5.73 -2.92 4.90
C ASN A 69 -4.94 -1.62 4.93
N ASN A 70 -3.68 -1.69 4.53
CA ASN A 70 -2.80 -0.53 4.54
C ASN A 70 -3.26 0.53 3.54
N THR A 71 -3.79 0.12 2.40
CA THR A 71 -4.31 1.07 1.43
C THR A 71 -5.59 1.71 1.95
N GLN A 72 -6.51 0.89 2.44
CA GLN A 72 -7.73 1.41 3.07
C GLN A 72 -7.40 2.36 4.22
N ALA A 73 -6.35 2.04 4.96
CA ALA A 73 -5.92 2.86 6.08
C ALA A 73 -5.29 4.15 5.59
N LEU A 74 -4.34 4.01 4.68
CA LEU A 74 -3.65 5.16 4.09
C LEU A 74 -4.64 6.06 3.37
N GLY A 75 -5.51 5.45 2.56
CA GLY A 75 -6.57 6.20 1.89
C GLY A 75 -7.44 6.95 2.87
N ASN A 76 -7.83 6.27 3.95
CA ASN A 76 -8.59 6.91 5.01
C ASN A 76 -7.85 8.12 5.55
N GLU A 77 -6.54 7.97 5.72
CA GLU A 77 -5.70 9.03 6.24
C GLU A 77 -5.47 10.13 5.20
N LEU A 78 -5.61 9.81 3.93
CA LEU A 78 -5.60 10.82 2.88
C LEU A 78 -6.88 11.63 2.94
N ILE A 79 -7.99 10.92 3.17
CA ILE A 79 -9.32 11.53 3.15
C ILE A 79 -9.59 12.32 4.43
N LYS A 80 -8.99 11.91 5.54
CA LYS A 80 -9.23 12.56 6.82
C LYS A 80 -8.65 13.98 6.86
N LEU A 81 -7.65 14.23 6.03
CA LEU A 81 -6.99 15.52 6.02
C LEU A 81 -7.43 16.34 4.81
N GLU A 1 -4.99 -12.47 -11.08
CA GLU A 1 -5.81 -11.40 -11.71
C GLU A 1 -6.30 -10.40 -10.67
N ASN A 2 -6.86 -10.90 -9.56
CA ASN A 2 -7.43 -10.03 -8.54
C ASN A 2 -6.38 -9.18 -7.85
N LEU A 3 -5.19 -9.72 -7.65
CA LEU A 3 -4.13 -8.99 -6.96
C LEU A 3 -3.50 -7.96 -7.89
N ASP A 4 -3.52 -8.24 -9.19
CA ASP A 4 -3.02 -7.30 -10.20
C ASP A 4 -3.81 -6.00 -10.15
N LYS A 5 -5.09 -6.09 -9.79
CA LYS A 5 -5.95 -4.93 -9.67
C LYS A 5 -5.54 -4.14 -8.44
N MET A 6 -5.40 -4.88 -7.35
CA MET A 6 -5.09 -4.34 -6.04
C MET A 6 -3.70 -3.74 -6.01
N ILE A 7 -2.75 -4.38 -6.67
CA ILE A 7 -1.37 -3.94 -6.65
C ILE A 7 -1.23 -2.59 -7.34
N SER A 8 -1.94 -2.42 -8.44
CA SER A 8 -1.88 -1.18 -9.19
C SER A 8 -2.61 -0.08 -8.43
N GLU A 9 -3.68 -0.47 -7.73
CA GLU A 9 -4.40 0.47 -6.89
C GLU A 9 -3.53 0.90 -5.73
N ALA A 10 -2.69 -0.01 -5.26
CA ALA A 10 -1.76 0.29 -4.18
C ALA A 10 -0.63 1.16 -4.70
N GLU A 11 -0.27 0.99 -5.97
CA GLU A 11 0.64 1.91 -6.63
C GLU A 11 0.04 3.30 -6.62
N VAL A 12 -1.24 3.37 -6.96
CA VAL A 12 -1.97 4.63 -6.94
C VAL A 12 -1.97 5.24 -5.55
N LEU A 13 -2.29 4.41 -4.55
CA LEU A 13 -2.25 4.83 -3.16
C LEU A 13 -0.87 5.38 -2.78
N ASN A 14 0.18 4.68 -3.22
CA ASN A 14 1.54 5.12 -2.93
C ASN A 14 1.81 6.48 -3.56
N ASP A 15 1.41 6.62 -4.82
CA ASP A 15 1.57 7.89 -5.54
C ASP A 15 0.76 9.00 -4.90
N MET A 16 -0.49 8.71 -4.57
CA MET A 16 -1.38 9.73 -4.03
C MET A 16 -0.91 10.16 -2.65
N ALA A 17 -0.38 9.21 -1.90
CA ALA A 17 0.15 9.50 -0.58
C ALA A 17 1.48 10.23 -0.67
N ALA A 18 2.30 9.89 -1.66
CA ALA A 18 3.53 10.62 -1.90
C ALA A 18 3.21 12.10 -2.13
N ARG A 19 2.15 12.32 -2.89
CA ARG A 19 1.64 13.66 -3.14
C ARG A 19 1.07 14.27 -1.87
N LYS A 20 0.26 13.49 -1.16
CA LYS A 20 -0.39 13.95 0.06
C LYS A 20 0.65 14.35 1.10
N LEU A 21 1.71 13.56 1.20
CA LEU A 21 2.80 13.83 2.12
C LEU A 21 3.35 15.24 1.93
N ILE A 22 3.67 15.58 0.69
CA ILE A 22 4.25 16.88 0.40
C ILE A 22 3.22 18.02 0.45
N THR A 23 1.93 17.68 0.42
CA THR A 23 0.89 18.69 0.57
C THR A 23 0.60 18.96 2.04
N LEU A 24 0.83 17.95 2.88
CA LEU A 24 0.60 18.06 4.31
C LEU A 24 1.84 18.64 5.00
N ASP A 25 1.67 19.14 6.21
CA ASP A 25 2.79 19.63 7.00
C ASP A 25 3.62 18.46 7.53
N ALA A 26 4.76 18.78 8.13
CA ALA A 26 5.78 17.78 8.45
C ALA A 26 5.24 16.61 9.27
N GLU A 27 4.61 16.88 10.41
CA GLU A 27 4.13 15.81 11.30
C GLU A 27 3.08 14.96 10.60
N GLN A 28 2.25 15.61 9.81
CA GLN A 28 1.20 14.91 9.09
C GLN A 28 1.83 14.07 7.99
N GLN A 29 2.84 14.63 7.34
CA GLN A 29 3.59 13.92 6.32
C GLN A 29 4.25 12.69 6.93
N LEU A 30 4.72 12.85 8.15
CA LEU A 30 5.48 11.80 8.82
C LEU A 30 4.59 10.62 9.16
N GLU A 31 3.42 10.94 9.71
CA GLU A 31 2.45 9.94 10.11
C GLU A 31 1.88 9.22 8.88
N LEU A 32 1.48 10.00 7.88
CA LEU A 32 0.98 9.43 6.64
C LEU A 32 2.10 8.67 5.94
N MET A 33 3.33 9.11 6.17
CA MET A 33 4.51 8.46 5.60
C MET A 33 4.70 7.07 6.20
N LYS A 34 4.36 6.92 7.47
CA LYS A 34 4.40 5.60 8.10
C LYS A 34 3.47 4.64 7.37
N SER A 35 2.23 5.07 7.16
CA SER A 35 1.28 4.27 6.40
C SER A 35 1.76 4.09 4.95
N LEU A 36 2.39 5.13 4.41
CA LEU A 36 3.04 5.07 3.10
C LEU A 36 4.09 3.95 3.08
N VAL A 37 4.96 3.95 4.09
CA VAL A 37 5.96 2.91 4.28
C VAL A 37 5.33 1.53 4.33
N ALA A 38 4.25 1.40 5.08
CA ALA A 38 3.55 0.12 5.16
C ALA A 38 2.99 -0.25 3.78
N THR A 39 2.42 0.73 3.10
CA THR A 39 1.88 0.52 1.77
C THR A 39 2.95 0.07 0.78
N GLN A 40 4.04 0.84 0.68
CA GLN A 40 5.12 0.52 -0.24
C GLN A 40 5.74 -0.85 0.09
N SER A 41 5.76 -1.17 1.39
CA SER A 41 6.35 -2.43 1.83
C SER A 41 5.54 -3.61 1.31
N GLN A 42 4.23 -3.59 1.53
CA GLN A 42 3.36 -4.67 1.07
C GLN A 42 3.16 -4.57 -0.44
N LEU A 43 3.25 -3.37 -0.98
CA LEU A 43 3.32 -3.19 -2.43
C LEU A 43 4.44 -4.06 -3.00
N GLU A 44 5.62 -3.91 -2.42
CA GLU A 44 6.79 -4.66 -2.82
C GLU A 44 6.61 -6.15 -2.53
N ALA A 45 6.08 -6.45 -1.35
CA ALA A 45 5.86 -7.82 -0.91
C ALA A 45 4.96 -8.58 -1.88
N THR A 46 3.85 -7.97 -2.24
CA THR A 46 2.91 -8.58 -3.17
C THR A 46 3.55 -8.76 -4.54
N LYS A 47 4.18 -7.70 -5.04
CA LYS A 47 4.90 -7.76 -6.32
C LYS A 47 5.94 -8.88 -6.32
N ASN A 48 6.50 -9.16 -5.16
CA ASN A 48 7.45 -10.25 -5.01
C ASN A 48 6.73 -11.59 -5.06
N LEU A 49 5.66 -11.69 -4.28
CA LEU A 49 4.94 -12.95 -4.12
C LEU A 49 4.22 -13.38 -5.40
N ILE A 50 3.71 -12.41 -6.16
CA ILE A 50 2.96 -12.73 -7.38
C ILE A 50 3.86 -13.39 -8.42
N GLY A 51 5.15 -13.10 -8.35
CA GLY A 51 6.11 -13.75 -9.23
C GLY A 51 6.88 -14.84 -8.54
N ASP A 52 6.69 -14.97 -7.25
CA ASP A 52 7.39 -15.96 -6.44
C ASP A 52 6.69 -17.31 -6.55
N PRO A 53 7.42 -18.35 -6.97
CA PRO A 53 6.87 -19.70 -7.13
C PRO A 53 6.72 -20.45 -5.81
N ASN A 54 7.44 -19.99 -4.79
CA ASN A 54 7.37 -20.61 -3.48
C ASN A 54 6.17 -20.08 -2.71
N ALA A 55 5.83 -18.82 -2.96
CA ALA A 55 4.65 -18.22 -2.37
C ALA A 55 3.40 -18.93 -2.86
N THR A 56 2.47 -19.19 -1.96
CA THR A 56 1.25 -19.88 -2.33
C THR A 56 0.06 -18.92 -2.28
N VAL A 57 -1.12 -19.40 -2.66
CA VAL A 57 -2.31 -18.57 -2.69
C VAL A 57 -2.56 -17.90 -1.33
N ALA A 58 -2.30 -18.65 -0.25
CA ALA A 58 -2.44 -18.11 1.09
C ALA A 58 -1.46 -16.96 1.34
N ASP A 59 -0.21 -17.13 0.91
CA ASP A 59 0.78 -16.07 1.04
C ASP A 59 0.32 -14.82 0.30
N LEU A 60 -0.13 -15.02 -0.93
CA LEU A 60 -0.65 -13.94 -1.75
C LEU A 60 -1.87 -13.30 -1.09
N GLN A 61 -2.77 -14.13 -0.61
CA GLN A 61 -3.99 -13.66 0.05
C GLN A 61 -3.65 -12.86 1.30
N ILE A 62 -2.67 -13.33 2.05
CA ILE A 62 -2.21 -12.62 3.25
C ILE A 62 -1.58 -11.29 2.85
N ALA A 63 -0.77 -11.29 1.81
CA ALA A 63 -0.18 -10.07 1.29
C ALA A 63 -1.28 -9.12 0.82
N TYR A 64 -2.24 -9.68 0.08
CA TYR A 64 -3.39 -8.93 -0.39
C TYR A 64 -4.17 -8.33 0.78
N THR A 65 -4.40 -9.13 1.81
CA THR A 65 -5.14 -8.68 2.98
C THR A 65 -4.42 -7.54 3.67
N THR A 66 -3.13 -7.73 3.92
CA THR A 66 -2.31 -6.69 4.55
C THR A 66 -2.24 -5.45 3.65
N LEU A 67 -1.97 -5.64 2.36
CA LEU A 67 -1.93 -4.53 1.42
C LEU A 67 -3.26 -3.79 1.41
N GLY A 68 -4.34 -4.56 1.29
CA GLY A 68 -5.67 -4.00 1.38
C GLY A 68 -5.87 -3.21 2.67
N ASN A 69 -5.37 -3.76 3.77
CA ASN A 69 -5.48 -3.09 5.06
C ASN A 69 -4.75 -1.75 5.06
N ASN A 70 -3.48 -1.75 4.65
CA ASN A 70 -2.70 -0.52 4.67
C ASN A 70 -3.17 0.48 3.63
N THR A 71 -3.76 0.02 2.53
CA THR A 71 -4.30 0.94 1.53
C THR A 71 -5.59 1.58 2.05
N GLN A 72 -6.45 0.76 2.63
CA GLN A 72 -7.63 1.28 3.33
C GLN A 72 -7.24 2.27 4.43
N ALA A 73 -6.14 1.97 5.10
CA ALA A 73 -5.64 2.82 6.17
C ALA A 73 -5.07 4.11 5.61
N LEU A 74 -4.12 3.97 4.70
CA LEU A 74 -3.48 5.11 4.06
C LEU A 74 -4.51 5.96 3.32
N GLY A 75 -5.37 5.29 2.57
CA GLY A 75 -6.47 5.96 1.90
C GLY A 75 -7.31 6.77 2.88
N ASN A 76 -7.60 6.18 4.03
CA ASN A 76 -8.33 6.88 5.08
C ASN A 76 -7.59 8.15 5.49
N GLU A 77 -6.27 8.06 5.58
CA GLU A 77 -5.44 9.20 5.91
C GLU A 77 -5.45 10.23 4.78
N LEU A 78 -5.62 9.76 3.55
CA LEU A 78 -5.74 10.66 2.41
C LEU A 78 -7.09 11.35 2.43
N ILE A 79 -8.11 10.61 2.86
CA ILE A 79 -9.47 11.12 2.94
C ILE A 79 -9.60 12.21 4.01
N LYS A 80 -8.67 12.22 4.96
CA LYS A 80 -8.62 13.25 6.00
C LYS A 80 -8.77 14.65 5.39
N LEU A 81 -8.04 14.89 4.31
CA LEU A 81 -8.13 16.14 3.58
C LEU A 81 -8.80 15.91 2.24
N GLU A 1 -4.71 -12.38 -11.69
CA GLU A 1 -5.53 -11.23 -12.12
C GLU A 1 -6.05 -10.45 -10.92
N ASN A 2 -6.50 -11.15 -9.88
CA ASN A 2 -7.03 -10.49 -8.69
C ASN A 2 -5.98 -9.62 -8.03
N LEU A 3 -4.77 -10.15 -7.88
CA LEU A 3 -3.68 -9.41 -7.28
C LEU A 3 -3.16 -8.37 -8.26
N ASP A 4 -3.24 -8.71 -9.54
CA ASP A 4 -2.88 -7.81 -10.64
C ASP A 4 -3.60 -6.47 -10.53
N LYS A 5 -4.87 -6.52 -10.15
CA LYS A 5 -5.67 -5.31 -10.03
C LYS A 5 -5.31 -4.57 -8.75
N MET A 6 -5.21 -5.32 -7.68
CA MET A 6 -4.97 -4.78 -6.35
C MET A 6 -3.58 -4.16 -6.24
N ILE A 7 -2.59 -4.80 -6.84
CA ILE A 7 -1.21 -4.32 -6.74
C ILE A 7 -1.09 -2.92 -7.33
N SER A 8 -1.67 -2.71 -8.51
CA SER A 8 -1.56 -1.41 -9.16
C SER A 8 -2.50 -0.41 -8.53
N GLU A 9 -3.59 -0.90 -7.94
CA GLU A 9 -4.47 -0.04 -7.17
C GLU A 9 -3.68 0.55 -6.00
N ALA A 10 -2.83 -0.29 -5.43
CA ALA A 10 -1.98 0.13 -4.32
C ALA A 10 -0.81 0.96 -4.83
N GLU A 11 -0.35 0.67 -6.05
CA GLU A 11 0.67 1.51 -6.68
C GLU A 11 0.13 2.94 -6.83
N VAL A 12 -1.16 3.05 -7.15
CA VAL A 12 -1.84 4.33 -7.22
C VAL A 12 -1.90 4.98 -5.83
N LEU A 13 -2.34 4.20 -4.85
CA LEU A 13 -2.39 4.65 -3.46
C LEU A 13 -1.03 5.18 -3.01
N ASN A 14 0.03 4.49 -3.37
CA ASN A 14 1.38 4.93 -3.02
C ASN A 14 1.67 6.29 -3.62
N ASP A 15 1.35 6.44 -4.90
CA ASP A 15 1.57 7.69 -5.60
C ASP A 15 0.73 8.81 -5.01
N MET A 16 -0.54 8.51 -4.73
CA MET A 16 -1.45 9.53 -4.23
C MET A 16 -1.02 9.99 -2.85
N ALA A 17 -0.52 9.05 -2.06
CA ALA A 17 -0.03 9.37 -0.73
C ALA A 17 1.30 10.09 -0.79
N ALA A 18 2.17 9.69 -1.72
CA ALA A 18 3.42 10.39 -1.91
C ALA A 18 3.18 11.86 -2.24
N ARG A 19 2.18 12.08 -3.08
CA ARG A 19 1.77 13.43 -3.47
C ARG A 19 1.04 14.12 -2.31
N LYS A 20 0.36 13.34 -1.48
CA LYS A 20 -0.34 13.88 -0.33
C LYS A 20 0.66 14.28 0.75
N LEU A 21 1.72 13.49 0.90
CA LEU A 21 2.78 13.77 1.86
C LEU A 21 3.33 15.18 1.68
N ILE A 22 3.72 15.48 0.45
CA ILE A 22 4.36 16.76 0.14
C ILE A 22 3.40 17.95 0.30
N THR A 23 2.10 17.68 0.36
CA THR A 23 1.13 18.75 0.55
C THR A 23 0.76 18.93 2.02
N LEU A 24 0.95 17.88 2.81
CA LEU A 24 0.60 17.92 4.22
C LEU A 24 1.73 18.50 5.07
N ASP A 25 1.38 18.99 6.24
CA ASP A 25 2.37 19.47 7.21
C ASP A 25 3.22 18.31 7.69
N ALA A 26 4.38 18.61 8.25
CA ALA A 26 5.36 17.59 8.62
C ALA A 26 4.77 16.48 9.46
N GLU A 27 4.12 16.83 10.57
CA GLU A 27 3.60 15.84 11.51
C GLU A 27 2.58 14.93 10.82
N GLN A 28 1.78 15.53 9.94
CA GLN A 28 0.77 14.78 9.22
C GLN A 28 1.43 13.94 8.14
N GLN A 29 2.46 14.52 7.53
CA GLN A 29 3.23 13.84 6.50
C GLN A 29 3.84 12.58 7.07
N LEU A 30 4.21 12.64 8.34
CA LEU A 30 4.85 11.52 9.01
C LEU A 30 3.87 10.38 9.20
N GLU A 31 2.64 10.73 9.56
CA GLU A 31 1.58 9.73 9.73
C GLU A 31 1.29 9.05 8.41
N LEU A 32 1.13 9.85 7.37
CA LEU A 32 0.88 9.32 6.04
C LEU A 32 2.11 8.60 5.51
N MET A 33 3.29 9.07 5.92
CA MET A 33 4.56 8.47 5.52
C MET A 33 4.66 7.06 6.08
N LYS A 34 4.37 6.90 7.36
CA LYS A 34 4.40 5.59 7.99
C LYS A 34 3.42 4.64 7.31
N SER A 35 2.20 5.12 7.08
CA SER A 35 1.21 4.34 6.35
C SER A 35 1.71 4.04 4.93
N LEU A 36 2.33 5.04 4.30
CA LEU A 36 2.95 4.88 3.00
C LEU A 36 4.02 3.80 3.03
N VAL A 37 4.89 3.87 4.02
CA VAL A 37 5.93 2.87 4.22
C VAL A 37 5.33 1.47 4.39
N ALA A 38 4.29 1.36 5.20
CA ALA A 38 3.61 0.08 5.36
C ALA A 38 3.02 -0.38 4.03
N THR A 39 2.32 0.51 3.37
CA THR A 39 1.72 0.23 2.07
C THR A 39 2.79 -0.17 1.04
N GLN A 40 3.85 0.61 0.93
CA GLN A 40 4.91 0.34 -0.03
C GLN A 40 5.59 -1.00 0.27
N SER A 41 5.64 -1.35 1.55
CA SER A 41 6.26 -2.60 1.95
C SER A 41 5.44 -3.79 1.46
N GLN A 42 4.14 -3.76 1.71
CA GLN A 42 3.26 -4.82 1.22
C GLN A 42 3.07 -4.73 -0.29
N LEU A 43 3.19 -3.53 -0.83
CA LEU A 43 3.26 -3.33 -2.27
C LEU A 43 4.38 -4.18 -2.85
N GLU A 44 5.59 -3.97 -2.31
CA GLU A 44 6.76 -4.72 -2.71
C GLU A 44 6.57 -6.21 -2.46
N ALA A 45 6.03 -6.54 -1.29
CA ALA A 45 5.78 -7.91 -0.92
C ALA A 45 4.89 -8.60 -1.95
N THR A 46 3.74 -7.99 -2.24
CA THR A 46 2.80 -8.55 -3.20
C THR A 46 3.43 -8.62 -4.61
N LYS A 47 4.01 -7.50 -5.04
CA LYS A 47 4.69 -7.42 -6.33
C LYS A 47 5.75 -8.51 -6.48
N ASN A 48 6.40 -8.84 -5.37
CA ASN A 48 7.42 -9.88 -5.36
C ASN A 48 6.78 -11.27 -5.30
N LEU A 49 5.71 -11.39 -4.52
CA LEU A 49 5.04 -12.67 -4.33
C LEU A 49 4.36 -13.14 -5.60
N ILE A 50 3.82 -12.23 -6.41
CA ILE A 50 3.13 -12.62 -7.62
C ILE A 50 4.08 -13.28 -8.62
N GLY A 51 5.35 -12.87 -8.57
CA GLY A 51 6.36 -13.48 -9.42
C GLY A 51 7.04 -14.66 -8.76
N ASP A 52 6.87 -14.77 -7.45
CA ASP A 52 7.50 -15.83 -6.68
C ASP A 52 6.67 -17.12 -6.75
N PRO A 53 7.31 -18.24 -7.13
CA PRO A 53 6.64 -19.53 -7.26
C PRO A 53 6.48 -20.24 -5.91
N ASN A 54 7.24 -19.81 -4.93
CA ASN A 54 7.19 -20.40 -3.60
C ASN A 54 5.99 -19.83 -2.86
N ALA A 55 5.67 -18.59 -3.17
CA ALA A 55 4.47 -17.95 -2.66
C ALA A 55 3.23 -18.66 -3.19
N THR A 56 2.28 -18.90 -2.32
CA THR A 56 1.04 -19.55 -2.72
C THR A 56 -0.13 -18.59 -2.57
N VAL A 57 -1.34 -19.07 -2.85
CA VAL A 57 -2.54 -18.24 -2.80
C VAL A 57 -2.68 -17.56 -1.43
N ALA A 58 -2.40 -18.32 -0.37
CA ALA A 58 -2.49 -17.79 0.98
C ALA A 58 -1.47 -16.70 1.21
N ASP A 59 -0.28 -16.85 0.64
CA ASP A 59 0.76 -15.83 0.75
C ASP A 59 0.30 -14.54 0.08
N LEU A 60 -0.24 -14.68 -1.12
CA LEU A 60 -0.78 -13.54 -1.85
C LEU A 60 -1.97 -12.95 -1.11
N GLN A 61 -2.79 -13.82 -0.54
CA GLN A 61 -3.98 -13.39 0.19
C GLN A 61 -3.59 -12.59 1.44
N ILE A 62 -2.60 -13.08 2.17
CA ILE A 62 -2.09 -12.37 3.34
C ILE A 62 -1.46 -11.05 2.93
N ALA A 63 -0.71 -11.06 1.84
CA ALA A 63 -0.16 -9.83 1.29
C ALA A 63 -1.29 -8.87 0.91
N TYR A 64 -2.30 -9.40 0.26
CA TYR A 64 -3.48 -8.63 -0.14
C TYR A 64 -4.21 -8.08 1.09
N THR A 65 -4.32 -8.90 2.12
CA THR A 65 -5.01 -8.52 3.34
C THR A 65 -4.30 -7.34 4.01
N THR A 66 -2.99 -7.48 4.18
CA THR A 66 -2.21 -6.44 4.82
C THR A 66 -2.08 -5.22 3.91
N LEU A 67 -1.81 -5.42 2.63
CA LEU A 67 -1.78 -4.32 1.67
C LEU A 67 -3.12 -3.61 1.64
N GLY A 68 -4.19 -4.39 1.58
CA GLY A 68 -5.54 -3.86 1.67
C GLY A 68 -5.72 -3.02 2.92
N ASN A 69 -5.32 -3.56 4.06
CA ASN A 69 -5.38 -2.82 5.33
C ASN A 69 -4.58 -1.53 5.23
N ASN A 70 -3.37 -1.64 4.70
CA ASN A 70 -2.48 -0.49 4.57
C ASN A 70 -3.07 0.58 3.67
N THR A 71 -3.65 0.17 2.55
CA THR A 71 -4.24 1.14 1.62
C THR A 71 -5.51 1.74 2.20
N GLN A 72 -6.35 0.91 2.80
CA GLN A 72 -7.55 1.38 3.48
C GLN A 72 -7.20 2.38 4.60
N ALA A 73 -6.15 2.08 5.32
CA ALA A 73 -5.70 2.94 6.40
C ALA A 73 -5.03 4.19 5.84
N LEU A 74 -4.24 4.02 4.80
CA LEU A 74 -3.59 5.12 4.11
C LEU A 74 -4.64 6.04 3.49
N GLY A 75 -5.67 5.44 2.90
CA GLY A 75 -6.81 6.19 2.41
C GLY A 75 -7.46 6.98 3.52
N ASN A 76 -7.54 6.40 4.70
CA ASN A 76 -8.03 7.10 5.89
C ASN A 76 -7.12 8.29 6.21
N GLU A 77 -5.83 8.11 6.00
CA GLU A 77 -4.85 9.16 6.22
C GLU A 77 -4.89 10.19 5.08
N LEU A 78 -5.30 9.75 3.90
CA LEU A 78 -5.47 10.66 2.78
C LEU A 78 -6.62 11.62 3.05
N ILE A 79 -7.54 11.18 3.90
CA ILE A 79 -8.66 12.01 4.31
C ILE A 79 -8.16 13.21 5.11
N LYS A 80 -6.97 13.08 5.69
CA LYS A 80 -6.37 14.13 6.50
C LYS A 80 -5.97 15.32 5.61
N LEU A 81 -6.85 16.33 5.59
CA LEU A 81 -6.63 17.56 4.81
C LEU A 81 -6.36 17.26 3.34
N GLU A 1 -5.11 -12.03 -11.35
CA GLU A 1 -5.95 -10.90 -11.80
C GLU A 1 -6.43 -10.05 -10.62
N ASN A 2 -6.73 -10.71 -9.50
CA ASN A 2 -7.31 -10.03 -8.34
C ASN A 2 -6.28 -9.15 -7.65
N LEU A 3 -5.07 -9.67 -7.48
CA LEU A 3 -4.01 -8.91 -6.85
C LEU A 3 -3.42 -7.89 -7.82
N ASP A 4 -3.54 -8.19 -9.11
CA ASP A 4 -3.15 -7.28 -10.17
C ASP A 4 -3.85 -5.93 -10.01
N LYS A 5 -5.09 -5.97 -9.58
CA LYS A 5 -5.86 -4.74 -9.37
C LYS A 5 -5.37 -4.05 -8.10
N MET A 6 -5.26 -4.84 -7.04
CA MET A 6 -4.89 -4.34 -5.73
C MET A 6 -3.48 -3.73 -5.73
N ILE A 7 -2.56 -4.37 -6.44
CA ILE A 7 -1.19 -3.89 -6.47
C ILE A 7 -1.11 -2.53 -7.16
N SER A 8 -1.83 -2.38 -8.25
CA SER A 8 -1.81 -1.13 -9.00
C SER A 8 -2.62 -0.07 -8.25
N GLU A 9 -3.64 -0.53 -7.54
CA GLU A 9 -4.39 0.34 -6.64
C GLU A 9 -3.46 0.89 -5.57
N ALA A 10 -2.56 0.04 -5.09
CA ALA A 10 -1.60 0.44 -4.07
C ALA A 10 -0.54 1.34 -4.70
N GLU A 11 -0.25 1.13 -5.98
CA GLU A 11 0.60 2.05 -6.71
C GLU A 11 -0.03 3.44 -6.73
N VAL A 12 -1.35 3.47 -6.93
CA VAL A 12 -2.10 4.72 -6.92
C VAL A 12 -2.09 5.34 -5.53
N LEU A 13 -2.41 4.53 -4.53
CA LEU A 13 -2.36 4.95 -3.13
C LEU A 13 -0.99 5.53 -2.79
N ASN A 14 0.06 4.84 -3.23
CA ASN A 14 1.43 5.30 -2.98
C ASN A 14 1.64 6.67 -3.62
N ASP A 15 1.19 6.81 -4.85
CA ASP A 15 1.33 8.06 -5.57
C ASP A 15 0.53 9.18 -4.92
N MET A 16 -0.71 8.88 -4.56
CA MET A 16 -1.60 9.89 -3.99
C MET A 16 -1.09 10.33 -2.63
N ALA A 17 -0.58 9.38 -1.87
CA ALA A 17 -0.02 9.66 -0.56
C ALA A 17 1.27 10.46 -0.70
N ALA A 18 2.08 10.13 -1.70
CA ALA A 18 3.28 10.92 -1.97
C ALA A 18 2.89 12.37 -2.25
N ARG A 19 1.83 12.54 -3.02
CA ARG A 19 1.31 13.86 -3.35
C ARG A 19 0.81 14.59 -2.11
N LYS A 20 0.14 13.87 -1.22
CA LYS A 20 -0.34 14.45 0.03
C LYS A 20 0.83 14.77 0.96
N LEU A 21 1.80 13.87 1.01
CA LEU A 21 2.97 14.03 1.86
C LEU A 21 3.66 15.36 1.62
N ILE A 22 3.98 15.64 0.36
CA ILE A 22 4.72 16.85 0.00
C ILE A 22 3.90 18.13 0.20
N THR A 23 2.58 18.01 0.30
CA THR A 23 1.73 19.18 0.45
C THR A 23 1.34 19.44 1.91
N LEU A 24 1.46 18.41 2.73
CA LEU A 24 1.08 18.50 4.13
C LEU A 24 2.24 18.94 5.00
N ASP A 25 1.93 19.36 6.22
CA ASP A 25 2.95 19.72 7.21
C ASP A 25 3.83 18.53 7.51
N ALA A 26 5.06 18.79 7.95
CA ALA A 26 6.04 17.74 8.19
C ALA A 26 5.48 16.56 8.97
N GLU A 27 4.89 16.84 10.14
CA GLU A 27 4.40 15.77 11.01
C GLU A 27 3.27 14.99 10.35
N GLN A 28 2.47 15.68 9.58
CA GLN A 28 1.37 15.06 8.87
C GLN A 28 1.93 14.21 7.74
N GLN A 29 3.02 14.69 7.12
CA GLN A 29 3.72 13.94 6.11
C GLN A 29 4.28 12.67 6.72
N LEU A 30 4.76 12.79 7.96
CA LEU A 30 5.45 11.69 8.61
C LEU A 30 4.47 10.59 8.96
N GLU A 31 3.32 10.97 9.51
CA GLU A 31 2.29 10.00 9.88
C GLU A 31 1.77 9.28 8.65
N LEU A 32 1.41 10.04 7.62
CA LEU A 32 0.92 9.44 6.39
C LEU A 32 2.04 8.69 5.68
N MET A 33 3.28 9.12 5.91
CA MET A 33 4.44 8.42 5.37
C MET A 33 4.58 7.05 6.01
N LYS A 34 4.26 6.96 7.30
CA LYS A 34 4.30 5.67 7.99
C LYS A 34 3.31 4.69 7.37
N SER A 35 2.07 5.13 7.19
CA SER A 35 1.07 4.31 6.50
C SER A 35 1.53 4.04 5.06
N LEU A 36 2.12 5.05 4.44
CA LEU A 36 2.72 4.91 3.11
C LEU A 36 3.75 3.79 3.10
N VAL A 37 4.66 3.81 4.08
CA VAL A 37 5.66 2.77 4.26
C VAL A 37 5.02 1.39 4.35
N ALA A 38 3.99 1.26 5.17
CA ALA A 38 3.29 -0.02 5.29
C ALA A 38 2.68 -0.43 3.95
N THR A 39 2.02 0.51 3.30
CA THR A 39 1.42 0.28 1.99
C THR A 39 2.47 -0.14 0.95
N GLN A 40 3.51 0.68 0.80
CA GLN A 40 4.55 0.41 -0.17
C GLN A 40 5.29 -0.89 0.15
N SER A 41 5.36 -1.22 1.44
CA SER A 41 6.01 -2.44 1.87
C SER A 41 5.24 -3.65 1.35
N GLN A 42 3.93 -3.65 1.54
CA GLN A 42 3.12 -4.74 1.02
C GLN A 42 2.99 -4.65 -0.50
N LEU A 43 3.11 -3.45 -1.03
CA LEU A 43 3.26 -3.26 -2.48
C LEU A 43 4.44 -4.09 -2.97
N GLU A 44 5.59 -3.87 -2.36
CA GLU A 44 6.82 -4.58 -2.68
C GLU A 44 6.67 -6.08 -2.41
N ALA A 45 6.09 -6.40 -1.25
CA ALA A 45 5.90 -7.79 -0.85
C ALA A 45 5.05 -8.54 -1.86
N THR A 46 3.92 -7.98 -2.24
CA THR A 46 3.04 -8.62 -3.21
C THR A 46 3.75 -8.79 -4.54
N LYS A 47 4.39 -7.71 -5.00
CA LYS A 47 5.21 -7.76 -6.22
C LYS A 47 6.22 -8.89 -6.19
N ASN A 48 6.78 -9.14 -5.01
CA ASN A 48 7.74 -10.22 -4.83
C ASN A 48 7.05 -11.57 -4.86
N LEU A 49 5.96 -11.67 -4.11
CA LEU A 49 5.25 -12.93 -3.94
C LEU A 49 4.61 -13.42 -5.23
N ILE A 50 4.12 -12.51 -6.06
CA ILE A 50 3.46 -12.91 -7.30
C ILE A 50 4.45 -13.56 -8.26
N GLY A 51 5.72 -13.21 -8.14
CA GLY A 51 6.75 -13.81 -8.97
C GLY A 51 7.52 -14.89 -8.23
N ASP A 52 7.29 -14.99 -6.93
CA ASP A 52 7.95 -15.98 -6.10
C ASP A 52 7.22 -17.32 -6.18
N PRO A 53 7.96 -18.40 -6.46
CA PRO A 53 7.39 -19.73 -6.61
C PRO A 53 7.04 -20.38 -5.28
N ASN A 54 7.69 -19.91 -4.22
CA ASN A 54 7.45 -20.45 -2.89
C ASN A 54 6.17 -19.87 -2.32
N ALA A 55 5.87 -18.64 -2.69
CA ALA A 55 4.64 -17.98 -2.29
C ALA A 55 3.43 -18.71 -2.85
N THR A 56 2.50 -19.05 -1.99
CA THR A 56 1.32 -19.78 -2.39
C THR A 56 0.14 -18.83 -2.59
N VAL A 57 -1.01 -19.37 -3.01
CA VAL A 57 -2.22 -18.57 -3.12
C VAL A 57 -2.56 -17.94 -1.78
N ALA A 58 -2.31 -18.69 -0.71
CA ALA A 58 -2.52 -18.19 0.64
C ALA A 58 -1.55 -17.07 0.97
N ASP A 59 -0.28 -17.22 0.58
CA ASP A 59 0.71 -16.16 0.78
C ASP A 59 0.27 -14.90 0.06
N LEU A 60 -0.14 -15.07 -1.19
CA LEU A 60 -0.65 -13.97 -2.00
C LEU A 60 -1.88 -13.37 -1.34
N GLN A 61 -2.77 -14.23 -0.87
CA GLN A 61 -4.01 -13.80 -0.23
C GLN A 61 -3.73 -13.01 1.05
N ILE A 62 -2.74 -13.44 1.80
CA ILE A 62 -2.32 -12.73 3.01
C ILE A 62 -1.72 -11.38 2.64
N ALA A 63 -0.85 -11.37 1.64
CA ALA A 63 -0.27 -10.12 1.16
C ALA A 63 -1.37 -9.20 0.65
N TYR A 64 -2.30 -9.80 -0.07
CA TYR A 64 -3.51 -9.11 -0.54
C TYR A 64 -4.27 -8.49 0.61
N THR A 65 -4.42 -9.26 1.69
CA THR A 65 -5.16 -8.81 2.85
C THR A 65 -4.46 -7.63 3.51
N THR A 66 -3.18 -7.78 3.79
CA THR A 66 -2.41 -6.73 4.43
C THR A 66 -2.27 -5.51 3.52
N LEU A 67 -2.06 -5.73 2.23
CA LEU A 67 -2.00 -4.63 1.28
C LEU A 67 -3.33 -3.89 1.24
N GLY A 68 -4.41 -4.63 1.04
CA GLY A 68 -5.74 -4.06 1.06
C GLY A 68 -6.02 -3.30 2.35
N ASN A 69 -5.58 -3.86 3.47
CA ASN A 69 -5.74 -3.20 4.76
C ASN A 69 -4.94 -1.91 4.80
N ASN A 70 -3.69 -1.96 4.34
CA ASN A 70 -2.81 -0.79 4.38
C ASN A 70 -3.26 0.27 3.39
N THR A 71 -3.83 -0.12 2.27
CA THR A 71 -4.37 0.85 1.33
C THR A 71 -5.64 1.47 1.90
N GLN A 72 -6.52 0.63 2.44
CA GLN A 72 -7.70 1.10 3.16
C GLN A 72 -7.28 2.06 4.29
N ALA A 73 -6.20 1.71 4.95
CA ALA A 73 -5.68 2.51 6.05
C ALA A 73 -5.11 3.84 5.55
N LEU A 74 -4.18 3.76 4.61
CA LEU A 74 -3.56 4.93 4.02
C LEU A 74 -4.62 5.80 3.37
N GLY A 75 -5.57 5.18 2.68
CA GLY A 75 -6.70 5.89 2.13
C GLY A 75 -7.42 6.70 3.20
N ASN A 76 -7.71 6.07 4.33
CA ASN A 76 -8.33 6.77 5.45
C ASN A 76 -7.45 7.92 5.92
N GLU A 77 -6.14 7.68 5.97
CA GLU A 77 -5.18 8.70 6.39
C GLU A 77 -5.16 9.87 5.40
N LEU A 78 -5.38 9.58 4.13
CA LEU A 78 -5.42 10.63 3.11
C LEU A 78 -6.71 11.43 3.24
N ILE A 79 -7.75 10.79 3.77
CA ILE A 79 -9.06 11.42 3.90
C ILE A 79 -9.16 12.24 5.18
N LYS A 80 -8.37 11.89 6.19
CA LYS A 80 -8.41 12.62 7.46
C LYS A 80 -7.89 14.03 7.27
N LEU A 81 -7.08 14.22 6.23
CA LEU A 81 -6.50 15.53 5.94
C LEU A 81 -6.99 16.01 4.58
N GLU A 1 -6.30 -12.34 -11.63
CA GLU A 1 -6.39 -11.08 -12.40
C GLU A 1 -6.93 -9.93 -11.53
N ASN A 2 -7.70 -10.25 -10.50
CA ASN A 2 -8.24 -9.21 -9.62
C ASN A 2 -7.13 -8.55 -8.81
N LEU A 3 -6.13 -9.34 -8.42
CA LEU A 3 -5.07 -8.84 -7.58
C LEU A 3 -4.12 -7.98 -8.40
N ASP A 4 -3.98 -8.34 -9.67
CA ASP A 4 -3.22 -7.55 -10.65
C ASP A 4 -3.77 -6.14 -10.76
N LYS A 5 -5.07 -6.01 -10.57
CA LYS A 5 -5.72 -4.71 -10.61
C LYS A 5 -5.57 -4.01 -9.26
N MET A 6 -5.67 -4.79 -8.19
CA MET A 6 -5.56 -4.28 -6.83
C MET A 6 -4.16 -3.82 -6.50
N ILE A 7 -3.15 -4.55 -6.95
CA ILE A 7 -1.77 -4.19 -6.65
C ILE A 7 -1.42 -2.86 -7.33
N SER A 8 -1.91 -2.66 -8.54
CA SER A 8 -1.68 -1.43 -9.25
C SER A 8 -2.56 -0.32 -8.67
N GLU A 9 -3.73 -0.70 -8.19
CA GLU A 9 -4.60 0.22 -7.47
C GLU A 9 -3.90 0.70 -6.19
N ALA A 10 -3.13 -0.18 -5.60
CA ALA A 10 -2.35 0.16 -4.43
C ALA A 10 -1.14 1.01 -4.83
N GLU A 11 -0.58 0.74 -6.00
CA GLU A 11 0.45 1.62 -6.55
C GLU A 11 -0.12 3.02 -6.72
N VAL A 12 -1.37 3.11 -7.16
CA VAL A 12 -2.08 4.38 -7.25
C VAL A 12 -2.23 5.01 -5.88
N LEU A 13 -2.62 4.19 -4.91
CA LEU A 13 -2.75 4.62 -3.53
C LEU A 13 -1.43 5.21 -3.03
N ASN A 14 -0.33 4.50 -3.27
CA ASN A 14 1.00 4.97 -2.88
C ASN A 14 1.32 6.29 -3.57
N ASP A 15 1.00 6.35 -4.85
CA ASP A 15 1.22 7.55 -5.66
C ASP A 15 0.45 8.74 -5.08
N MET A 16 -0.84 8.54 -4.85
CA MET A 16 -1.68 9.62 -4.36
C MET A 16 -1.27 10.02 -2.96
N ALA A 17 -0.86 9.04 -2.17
CA ALA A 17 -0.42 9.31 -0.81
C ALA A 17 0.90 10.04 -0.80
N ALA A 18 1.78 9.73 -1.75
CA ALA A 18 3.03 10.45 -1.88
C ALA A 18 2.75 11.91 -2.23
N ARG A 19 1.77 12.12 -3.12
CA ARG A 19 1.35 13.45 -3.50
C ARG A 19 0.74 14.18 -2.30
N LYS A 20 -0.07 13.46 -1.54
CA LYS A 20 -0.70 14.02 -0.35
C LYS A 20 0.36 14.31 0.71
N LEU A 21 1.37 13.45 0.78
CA LEU A 21 2.49 13.61 1.71
C LEU A 21 3.18 14.95 1.50
N ILE A 22 3.63 15.18 0.26
CA ILE A 22 4.41 16.38 -0.06
C ILE A 22 3.61 17.67 0.11
N THR A 23 2.28 17.56 0.20
CA THR A 23 1.45 18.73 0.42
C THR A 23 1.20 18.95 1.92
N LEU A 24 1.53 17.95 2.73
CA LEU A 24 1.32 18.01 4.17
C LEU A 24 2.49 18.66 4.89
N ASP A 25 2.25 19.07 6.12
CA ASP A 25 3.33 19.52 7.00
C ASP A 25 4.02 18.30 7.59
N ALA A 26 5.17 18.51 8.22
CA ALA A 26 6.06 17.40 8.60
C ALA A 26 5.33 16.34 9.41
N GLU A 27 4.71 16.72 10.53
CA GLU A 27 4.07 15.74 11.43
C GLU A 27 3.09 14.86 10.68
N GLN A 28 2.28 15.50 9.84
CA GLN A 28 1.24 14.81 9.10
C GLN A 28 1.88 13.95 8.02
N GLN A 29 2.93 14.49 7.41
CA GLN A 29 3.60 13.81 6.33
C GLN A 29 4.29 12.57 6.86
N LEU A 30 4.81 12.67 8.07
CA LEU A 30 5.57 11.59 8.66
C LEU A 30 4.65 10.45 9.09
N GLU A 31 3.50 10.79 9.66
CA GLU A 31 2.52 9.77 10.05
C GLU A 31 2.04 9.01 8.82
N LEU A 32 1.64 9.77 7.80
CA LEU A 32 1.19 9.15 6.56
C LEU A 32 2.37 8.52 5.83
N MET A 33 3.58 9.01 6.11
CA MET A 33 4.80 8.42 5.58
C MET A 33 4.99 7.03 6.14
N LYS A 34 4.77 6.88 7.43
CA LYS A 34 4.87 5.56 8.07
C LYS A 34 3.82 4.61 7.50
N SER A 35 2.61 5.12 7.33
CA SER A 35 1.57 4.34 6.64
C SER A 35 2.01 4.03 5.21
N LEU A 36 2.55 5.04 4.54
CA LEU A 36 3.11 4.88 3.19
C LEU A 36 4.17 3.77 3.19
N VAL A 37 5.06 3.81 4.18
CA VAL A 37 6.07 2.77 4.37
C VAL A 37 5.44 1.39 4.48
N ALA A 38 4.43 1.26 5.33
CA ALA A 38 3.75 -0.03 5.48
C ALA A 38 3.10 -0.45 4.16
N THR A 39 2.40 0.49 3.53
CA THR A 39 1.76 0.26 2.26
C THR A 39 2.77 -0.17 1.19
N GLN A 40 3.82 0.62 1.01
CA GLN A 40 4.84 0.34 0.01
C GLN A 40 5.55 -0.98 0.32
N SER A 41 5.68 -1.29 1.61
CA SER A 41 6.32 -2.51 2.04
C SER A 41 5.54 -3.72 1.55
N GLN A 42 4.24 -3.74 1.83
CA GLN A 42 3.39 -4.83 1.37
C GLN A 42 3.18 -4.74 -0.14
N LEU A 43 3.20 -3.54 -0.69
CA LEU A 43 3.20 -3.35 -2.13
C LEU A 43 4.34 -4.16 -2.75
N GLU A 44 5.55 -3.90 -2.27
CA GLU A 44 6.76 -4.56 -2.75
C GLU A 44 6.71 -6.06 -2.43
N ALA A 45 6.21 -6.38 -1.26
CA ALA A 45 6.06 -7.78 -0.84
C ALA A 45 5.16 -8.54 -1.80
N THR A 46 4.01 -7.95 -2.13
CA THR A 46 3.08 -8.57 -3.06
C THR A 46 3.71 -8.69 -4.45
N LYS A 47 4.33 -7.59 -4.91
CA LYS A 47 5.08 -7.57 -6.17
C LYS A 47 6.11 -8.71 -6.21
N ASN A 48 6.64 -9.06 -5.05
CA ASN A 48 7.60 -10.14 -4.96
C ASN A 48 6.89 -11.49 -4.96
N LEU A 49 5.83 -11.59 -4.17
CA LEU A 49 5.11 -12.85 -4.02
C LEU A 49 4.45 -13.31 -5.31
N ILE A 50 4.04 -12.36 -6.16
CA ILE A 50 3.42 -12.71 -7.43
C ILE A 50 4.41 -13.44 -8.34
N GLY A 51 5.69 -13.15 -8.15
CA GLY A 51 6.72 -13.78 -8.96
C GLY A 51 7.39 -14.95 -8.27
N ASP A 52 7.24 -15.03 -6.94
CA ASP A 52 7.89 -16.07 -6.16
C ASP A 52 7.08 -17.37 -6.23
N PRO A 53 7.75 -18.48 -6.60
CA PRO A 53 7.10 -19.78 -6.76
C PRO A 53 6.80 -20.48 -5.43
N ASN A 54 7.49 -20.06 -4.38
CA ASN A 54 7.26 -20.63 -3.06
C ASN A 54 6.06 -19.95 -2.43
N ALA A 55 5.89 -18.66 -2.72
CA ALA A 55 4.72 -17.92 -2.30
C ALA A 55 3.47 -18.56 -2.90
N THR A 56 2.51 -18.84 -2.05
CA THR A 56 1.29 -19.48 -2.51
C THR A 56 0.20 -18.43 -2.73
N VAL A 57 -0.95 -18.85 -3.24
CA VAL A 57 -2.06 -17.94 -3.40
C VAL A 57 -2.48 -17.40 -2.04
N ALA A 58 -2.38 -18.25 -1.03
CA ALA A 58 -2.68 -17.85 0.34
C ALA A 58 -1.69 -16.80 0.83
N ASP A 59 -0.39 -17.03 0.61
CA ASP A 59 0.64 -16.05 0.98
C ASP A 59 0.37 -14.74 0.27
N LEU A 60 0.07 -14.83 -1.01
CA LEU A 60 -0.26 -13.67 -1.82
C LEU A 60 -1.48 -12.97 -1.26
N GLN A 61 -2.49 -13.75 -0.89
CA GLN A 61 -3.72 -13.22 -0.30
C GLN A 61 -3.44 -12.51 1.01
N ILE A 62 -2.54 -13.09 1.82
CA ILE A 62 -2.14 -12.47 3.08
C ILE A 62 -1.49 -11.11 2.81
N ALA A 63 -0.56 -11.09 1.87
CA ALA A 63 0.08 -9.84 1.48
C ALA A 63 -0.98 -8.86 0.99
N TYR A 64 -1.89 -9.37 0.18
CA TYR A 64 -3.01 -8.59 -0.34
C TYR A 64 -3.90 -8.06 0.78
N THR A 65 -4.11 -8.88 1.80
CA THR A 65 -4.93 -8.50 2.93
C THR A 65 -4.29 -7.35 3.70
N THR A 66 -3.03 -7.51 4.06
CA THR A 66 -2.31 -6.48 4.78
C THR A 66 -2.11 -5.25 3.92
N LEU A 67 -1.81 -5.42 2.63
CA LEU A 67 -1.74 -4.30 1.71
C LEU A 67 -3.09 -3.59 1.65
N GLY A 68 -4.15 -4.38 1.51
CA GLY A 68 -5.49 -3.86 1.58
C GLY A 68 -5.73 -3.04 2.83
N ASN A 69 -5.35 -3.59 3.97
CA ASN A 69 -5.46 -2.87 5.25
C ASN A 69 -4.71 -1.55 5.18
N ASN A 70 -3.46 -1.61 4.77
CA ASN A 70 -2.60 -0.44 4.71
C ASN A 70 -3.14 0.61 3.74
N THR A 71 -3.69 0.17 2.61
CA THR A 71 -4.25 1.10 1.64
C THR A 71 -5.55 1.71 2.15
N GLN A 72 -6.42 0.87 2.69
CA GLN A 72 -7.66 1.36 3.31
C GLN A 72 -7.34 2.37 4.41
N ALA A 73 -6.33 2.07 5.20
CA ALA A 73 -5.94 2.93 6.32
C ALA A 73 -5.34 4.23 5.80
N LEU A 74 -4.32 4.11 4.97
CA LEU A 74 -3.65 5.27 4.40
C LEU A 74 -4.61 6.10 3.55
N GLY A 75 -5.42 5.42 2.75
CA GLY A 75 -6.46 6.08 1.99
C GLY A 75 -7.41 6.85 2.87
N ASN A 76 -7.81 6.26 3.99
CA ASN A 76 -8.67 6.94 4.95
C ASN A 76 -7.96 8.18 5.50
N GLU A 77 -6.66 8.05 5.75
CA GLU A 77 -5.84 9.18 6.16
C GLU A 77 -5.85 10.29 5.10
N LEU A 78 -5.76 9.89 3.84
CA LEU A 78 -5.76 10.83 2.72
C LEU A 78 -7.06 11.63 2.70
N ILE A 79 -8.15 10.95 3.05
CA ILE A 79 -9.47 11.57 3.04
C ILE A 79 -9.68 12.42 4.31
N LYS A 80 -9.29 11.86 5.44
CA LYS A 80 -9.52 12.48 6.74
C LYS A 80 -8.77 13.80 6.88
N LEU A 81 -7.55 13.86 6.37
CA LEU A 81 -6.78 15.09 6.42
C LEU A 81 -7.15 15.98 5.24
N GLU A 1 -4.02 -12.10 -12.03
CA GLU A 1 -5.41 -11.88 -12.47
C GLU A 1 -6.09 -10.76 -11.68
N ASN A 2 -6.56 -11.06 -10.47
CA ASN A 2 -7.27 -10.07 -9.67
C ASN A 2 -6.30 -9.16 -8.93
N LEU A 3 -5.14 -9.70 -8.57
CA LEU A 3 -4.14 -8.92 -7.85
C LEU A 3 -3.51 -7.90 -8.77
N ASP A 4 -3.54 -8.20 -10.07
CA ASP A 4 -3.09 -7.28 -11.11
C ASP A 4 -3.77 -5.92 -10.98
N LYS A 5 -5.05 -5.94 -10.66
CA LYS A 5 -5.82 -4.72 -10.53
C LYS A 5 -5.63 -4.12 -9.13
N MET A 6 -5.52 -5.01 -8.14
CA MET A 6 -5.37 -4.60 -6.76
C MET A 6 -4.01 -3.98 -6.49
N ILE A 7 -2.96 -4.57 -7.06
CA ILE A 7 -1.60 -4.09 -6.83
C ILE A 7 -1.41 -2.70 -7.43
N SER A 8 -1.95 -2.49 -8.63
CA SER A 8 -1.82 -1.21 -9.29
C SER A 8 -2.70 -0.17 -8.59
N GLU A 9 -3.83 -0.62 -8.06
CA GLU A 9 -4.68 0.22 -7.24
C GLU A 9 -3.90 0.72 -6.04
N ALA A 10 -3.11 -0.16 -5.44
CA ALA A 10 -2.30 0.21 -4.29
C ALA A 10 -1.10 1.05 -4.73
N GLU A 11 -0.67 0.88 -5.97
CA GLU A 11 0.35 1.77 -6.52
C GLU A 11 -0.22 3.18 -6.68
N VAL A 12 -1.51 3.25 -7.01
CA VAL A 12 -2.22 4.52 -7.08
C VAL A 12 -2.27 5.15 -5.69
N LEU A 13 -2.65 4.35 -4.70
CA LEU A 13 -2.65 4.78 -3.30
C LEU A 13 -1.27 5.27 -2.89
N ASN A 14 -0.24 4.54 -3.30
CA ASN A 14 1.13 4.93 -3.00
C ASN A 14 1.45 6.28 -3.63
N ASP A 15 1.03 6.45 -4.89
CA ASP A 15 1.20 7.70 -5.61
C ASP A 15 0.49 8.83 -4.90
N MET A 16 -0.78 8.61 -4.54
CA MET A 16 -1.59 9.66 -3.96
C MET A 16 -1.05 10.06 -2.60
N ALA A 17 -0.49 9.09 -1.89
CA ALA A 17 0.08 9.36 -0.58
C ALA A 17 1.44 10.02 -0.72
N ALA A 18 2.23 9.61 -1.69
CA ALA A 18 3.54 10.24 -1.92
C ALA A 18 3.36 11.72 -2.24
N ARG A 19 2.42 12.01 -3.14
CA ARG A 19 2.13 13.38 -3.52
C ARG A 19 1.44 14.12 -2.38
N LYS A 20 0.69 13.38 -1.56
CA LYS A 20 0.04 13.95 -0.38
C LYS A 20 1.10 14.34 0.66
N LEU A 21 2.08 13.45 0.85
CA LEU A 21 3.16 13.68 1.80
C LEU A 21 3.83 15.02 1.56
N ILE A 22 4.34 15.20 0.35
CA ILE A 22 5.10 16.40 -0.02
C ILE A 22 4.24 17.67 0.01
N THR A 23 2.93 17.52 0.05
CA THR A 23 2.04 18.68 0.09
C THR A 23 1.47 18.91 1.49
N LEU A 24 1.63 17.93 2.36
CA LEU A 24 1.14 18.03 3.73
C LEU A 24 2.16 18.69 4.65
N ASP A 25 1.66 19.13 5.80
CA ASP A 25 2.52 19.65 6.86
C ASP A 25 3.37 18.52 7.43
N ALA A 26 4.48 18.88 8.05
CA ALA A 26 5.47 17.91 8.50
C ALA A 26 4.86 16.79 9.34
N GLU A 27 4.15 17.16 10.41
CA GLU A 27 3.58 16.18 11.34
C GLU A 27 2.67 15.20 10.60
N GLN A 28 1.87 15.73 9.69
CA GLN A 28 0.93 14.92 8.96
C GLN A 28 1.67 14.05 7.95
N GLN A 29 2.71 14.62 7.35
CA GLN A 29 3.53 13.91 6.38
C GLN A 29 4.18 12.70 7.02
N LEU A 30 4.57 12.84 8.27
CA LEU A 30 5.25 11.78 8.98
C LEU A 30 4.30 10.61 9.25
N GLU A 31 3.10 10.95 9.68
CA GLU A 31 2.09 9.94 9.99
C GLU A 31 1.66 9.20 8.72
N LEU A 32 1.37 9.95 7.67
CA LEU A 32 1.03 9.35 6.39
C LEU A 32 2.23 8.61 5.82
N MET A 33 3.42 9.07 6.17
CA MET A 33 4.66 8.40 5.77
C MET A 33 4.70 7.00 6.35
N LYS A 34 4.32 6.87 7.61
CA LYS A 34 4.28 5.58 8.26
C LYS A 34 3.35 4.61 7.54
N SER A 35 2.14 5.08 7.25
CA SER A 35 1.18 4.28 6.50
C SER A 35 1.68 4.04 5.06
N LEU A 36 2.31 5.06 4.49
CA LEU A 36 2.94 4.95 3.17
C LEU A 36 3.98 3.83 3.16
N VAL A 37 4.86 3.84 4.17
CA VAL A 37 5.86 2.79 4.35
C VAL A 37 5.20 1.42 4.44
N ALA A 38 4.16 1.31 5.23
CA ALA A 38 3.45 0.04 5.35
C ALA A 38 2.85 -0.38 4.01
N THR A 39 2.20 0.56 3.34
CA THR A 39 1.61 0.32 2.03
C THR A 39 2.66 -0.09 1.01
N GLN A 40 3.71 0.72 0.86
CA GLN A 40 4.75 0.44 -0.13
C GLN A 40 5.45 -0.89 0.15
N SER A 41 5.58 -1.24 1.42
CA SER A 41 6.25 -2.46 1.79
C SER A 41 5.44 -3.67 1.35
N GLN A 42 4.15 -3.67 1.67
CA GLN A 42 3.27 -4.77 1.26
C GLN A 42 3.03 -4.71 -0.25
N LEU A 43 3.05 -3.51 -0.80
CA LEU A 43 3.03 -3.32 -2.24
C LEU A 43 4.15 -4.12 -2.89
N GLU A 44 5.38 -3.87 -2.46
CA GLU A 44 6.54 -4.59 -2.97
C GLU A 44 6.44 -6.08 -2.66
N ALA A 45 5.99 -6.38 -1.44
CA ALA A 45 5.86 -7.75 -0.99
C ALA A 45 4.94 -8.55 -1.89
N THR A 46 3.73 -8.04 -2.13
CA THR A 46 2.78 -8.72 -2.99
C THR A 46 3.32 -8.82 -4.41
N LYS A 47 3.80 -7.71 -4.94
CA LYS A 47 4.42 -7.66 -6.27
C LYS A 47 5.54 -8.70 -6.40
N ASN A 48 6.24 -8.94 -5.31
CA ASN A 48 7.31 -9.92 -5.30
C ASN A 48 6.75 -11.34 -5.19
N LEU A 49 5.77 -11.50 -4.30
CA LEU A 49 5.18 -12.81 -4.03
C LEU A 49 4.47 -13.38 -5.26
N ILE A 50 3.81 -12.52 -6.03
CA ILE A 50 3.07 -12.97 -7.20
C ILE A 50 3.99 -13.61 -8.24
N GLY A 51 5.26 -13.24 -8.20
CA GLY A 51 6.23 -13.80 -9.13
C GLY A 51 7.03 -14.94 -8.50
N ASP A 52 7.03 -15.01 -7.18
CA ASP A 52 7.81 -16.03 -6.47
C ASP A 52 7.06 -17.36 -6.42
N PRO A 53 7.72 -18.45 -6.84
CA PRO A 53 7.12 -19.79 -6.87
C PRO A 53 7.05 -20.43 -5.49
N ASN A 54 7.77 -19.85 -4.53
CA ASN A 54 7.78 -20.37 -3.17
C ASN A 54 6.56 -19.86 -2.43
N ALA A 55 6.14 -18.65 -2.78
CA ALA A 55 4.92 -18.08 -2.25
C ALA A 55 3.71 -18.78 -2.86
N THR A 56 2.67 -18.94 -2.07
CA THR A 56 1.46 -19.60 -2.54
C THR A 56 0.29 -18.62 -2.56
N VAL A 57 -0.86 -19.04 -3.08
CA VAL A 57 -2.02 -18.18 -3.17
C VAL A 57 -2.39 -17.58 -1.81
N ALA A 58 -2.25 -18.38 -0.75
CA ALA A 58 -2.53 -17.89 0.60
C ALA A 58 -1.56 -16.79 0.98
N ASP A 59 -0.28 -16.97 0.68
CA ASP A 59 0.73 -15.95 0.97
C ASP A 59 0.39 -14.66 0.24
N LEU A 60 0.06 -14.81 -1.04
CA LEU A 60 -0.35 -13.68 -1.87
C LEU A 60 -1.57 -12.99 -1.26
N GLN A 61 -2.56 -13.79 -0.90
CA GLN A 61 -3.81 -13.28 -0.33
C GLN A 61 -3.55 -12.57 1.00
N ILE A 62 -2.63 -13.13 1.80
CA ILE A 62 -2.25 -12.51 3.06
C ILE A 62 -1.56 -11.18 2.81
N ALA A 63 -0.63 -11.17 1.87
CA ALA A 63 0.04 -9.94 1.48
C ALA A 63 -0.99 -8.91 1.00
N TYR A 64 -1.94 -9.40 0.20
CA TYR A 64 -3.03 -8.57 -0.29
C TYR A 64 -3.88 -8.05 0.88
N THR A 65 -4.12 -8.91 1.86
CA THR A 65 -4.91 -8.55 3.03
C THR A 65 -4.27 -7.37 3.76
N THR A 66 -3.00 -7.51 4.09
CA THR A 66 -2.27 -6.45 4.76
C THR A 66 -2.11 -5.23 3.86
N LEU A 67 -1.81 -5.43 2.58
CA LEU A 67 -1.73 -4.32 1.65
C LEU A 67 -3.05 -3.57 1.58
N GLY A 68 -4.12 -4.32 1.35
CA GLY A 68 -5.46 -3.76 1.35
C GLY A 68 -5.78 -3.02 2.64
N ASN A 69 -5.43 -3.63 3.76
CA ASN A 69 -5.67 -3.01 5.06
C ASN A 69 -4.87 -1.72 5.19
N ASN A 70 -3.64 -1.74 4.70
CA ASN A 70 -2.77 -0.57 4.72
C ASN A 70 -3.25 0.52 3.77
N THR A 71 -3.84 0.14 2.65
CA THR A 71 -4.41 1.13 1.73
C THR A 71 -5.70 1.69 2.30
N GLN A 72 -6.46 0.85 2.99
CA GLN A 72 -7.63 1.30 3.75
C GLN A 72 -7.19 2.35 4.78
N ALA A 73 -6.10 2.04 5.46
CA ALA A 73 -5.57 2.92 6.50
C ALA A 73 -5.00 4.19 5.89
N LEU A 74 -4.18 4.02 4.87
CA LEU A 74 -3.56 5.14 4.17
C LEU A 74 -4.62 6.01 3.51
N GLY A 75 -5.59 5.37 2.87
CA GLY A 75 -6.73 6.07 2.33
C GLY A 75 -7.45 6.89 3.39
N ASN A 76 -7.63 6.29 4.57
CA ASN A 76 -8.19 6.99 5.71
C ASN A 76 -7.32 8.20 6.06
N GLU A 77 -6.01 8.02 5.99
CA GLU A 77 -5.06 9.09 6.30
C GLU A 77 -5.06 10.16 5.19
N LEU A 78 -5.45 9.78 3.99
CA LEU A 78 -5.60 10.74 2.90
C LEU A 78 -6.84 11.59 3.13
N ILE A 79 -7.89 10.95 3.63
CA ILE A 79 -9.15 11.62 3.94
C ILE A 79 -8.97 12.55 5.14
N LYS A 80 -7.96 12.26 5.95
CA LYS A 80 -7.63 13.04 7.15
C LYS A 80 -7.59 14.54 6.85
N LEU A 81 -6.99 14.89 5.71
CA LEU A 81 -6.96 16.29 5.29
C LEU A 81 -7.62 16.43 3.93
N GLU A 1 -5.91 -11.99 -11.73
CA GLU A 1 -6.34 -10.72 -12.36
C GLU A 1 -6.86 -9.73 -11.31
N ASN A 2 -7.76 -10.19 -10.45
CA ASN A 2 -8.38 -9.32 -9.45
C ASN A 2 -7.34 -8.71 -8.51
N LEU A 3 -6.34 -9.50 -8.14
CA LEU A 3 -5.31 -9.03 -7.24
C LEU A 3 -4.34 -8.14 -8.00
N ASP A 4 -4.14 -8.46 -9.28
CA ASP A 4 -3.33 -7.65 -10.18
C ASP A 4 -3.91 -6.24 -10.31
N LYS A 5 -5.22 -6.12 -10.16
CA LYS A 5 -5.87 -4.81 -10.17
C LYS A 5 -5.63 -4.12 -8.82
N MET A 6 -5.72 -4.91 -7.77
CA MET A 6 -5.54 -4.41 -6.41
C MET A 6 -4.11 -3.95 -6.17
N ILE A 7 -3.14 -4.68 -6.67
CA ILE A 7 -1.74 -4.33 -6.46
C ILE A 7 -1.42 -3.00 -7.15
N SER A 8 -2.01 -2.78 -8.32
CA SER A 8 -1.77 -1.56 -9.06
C SER A 8 -2.58 -0.42 -8.44
N GLU A 9 -3.72 -0.76 -7.87
CA GLU A 9 -4.51 0.21 -7.12
C GLU A 9 -3.71 0.67 -5.90
N ALA A 10 -2.94 -0.26 -5.33
CA ALA A 10 -2.09 0.06 -4.20
C ALA A 10 -0.89 0.88 -4.66
N GLU A 11 -0.45 0.65 -5.89
CA GLU A 11 0.55 1.52 -6.51
C GLU A 11 0.00 2.94 -6.58
N VAL A 12 -1.27 3.04 -6.98
CA VAL A 12 -1.97 4.32 -7.05
C VAL A 12 -2.02 4.96 -5.67
N LEU A 13 -2.47 4.20 -4.68
CA LEU A 13 -2.49 4.64 -3.28
C LEU A 13 -1.12 5.14 -2.85
N ASN A 14 -0.07 4.39 -3.18
CA ASN A 14 1.28 4.77 -2.82
C ASN A 14 1.68 6.08 -3.48
N ASP A 15 1.41 6.19 -4.78
CA ASP A 15 1.74 7.39 -5.53
C ASP A 15 0.96 8.59 -5.01
N MET A 16 -0.33 8.40 -4.76
CA MET A 16 -1.18 9.49 -4.29
C MET A 16 -0.74 9.92 -2.91
N ALA A 17 -0.34 8.96 -2.09
CA ALA A 17 0.12 9.26 -0.75
C ALA A 17 1.45 9.99 -0.79
N ALA A 18 2.31 9.63 -1.74
CA ALA A 18 3.55 10.36 -1.95
C ALA A 18 3.23 11.83 -2.27
N ARG A 19 2.18 12.02 -3.07
CA ARG A 19 1.72 13.36 -3.40
C ARG A 19 1.12 14.05 -2.18
N LYS A 20 0.31 13.31 -1.42
CA LYS A 20 -0.31 13.85 -0.21
C LYS A 20 0.73 14.19 0.83
N LEU A 21 1.80 13.41 0.90
CA LEU A 21 2.90 13.66 1.81
C LEU A 21 3.46 15.06 1.58
N ILE A 22 3.81 15.34 0.33
CA ILE A 22 4.43 16.61 -0.01
C ILE A 22 3.43 17.77 -0.03
N THR A 23 2.14 17.46 -0.06
CA THR A 23 1.12 18.51 -0.03
C THR A 23 0.63 18.77 1.40
N LEU A 24 0.85 17.81 2.29
CA LEU A 24 0.50 17.96 3.70
C LEU A 24 1.64 18.62 4.47
N ASP A 25 1.30 19.17 5.62
CA ASP A 25 2.29 19.76 6.53
C ASP A 25 3.19 18.66 7.12
N ALA A 26 4.27 19.06 7.78
CA ALA A 26 5.35 18.14 8.15
C ALA A 26 4.87 16.96 8.99
N GLU A 27 4.21 17.23 10.11
CA GLU A 27 3.81 16.16 11.04
C GLU A 27 2.82 15.22 10.35
N GLN A 28 2.03 15.79 9.46
CA GLN A 28 1.07 15.00 8.71
C GLN A 28 1.81 14.13 7.71
N GLN A 29 2.83 14.71 7.08
CA GLN A 29 3.65 13.98 6.12
C GLN A 29 4.28 12.77 6.77
N LEU A 30 4.67 12.93 8.03
CA LEU A 30 5.39 11.89 8.75
C LEU A 30 4.47 10.73 9.09
N GLU A 31 3.31 11.05 9.65
CA GLU A 31 2.34 10.03 10.03
C GLU A 31 1.79 9.32 8.80
N LEU A 32 1.44 10.11 7.79
CA LEU A 32 0.98 9.53 6.52
C LEU A 32 2.11 8.75 5.88
N MET A 33 3.35 9.17 6.13
CA MET A 33 4.52 8.47 5.64
C MET A 33 4.59 7.08 6.24
N LYS A 34 4.27 6.96 7.53
CA LYS A 34 4.26 5.65 8.19
C LYS A 34 3.33 4.70 7.45
N SER A 35 2.09 5.14 7.23
CA SER A 35 1.12 4.33 6.51
C SER A 35 1.56 4.09 5.06
N LEU A 36 2.14 5.12 4.46
CA LEU A 36 2.71 5.01 3.11
C LEU A 36 3.80 3.93 3.09
N VAL A 37 4.70 3.98 4.07
CA VAL A 37 5.73 2.95 4.25
C VAL A 37 5.10 1.56 4.35
N ALA A 38 4.05 1.45 5.15
CA ALA A 38 3.35 0.18 5.28
C ALA A 38 2.78 -0.26 3.93
N THR A 39 2.12 0.68 3.25
CA THR A 39 1.55 0.43 1.93
C THR A 39 2.62 -0.04 0.94
N GLN A 40 3.69 0.75 0.80
CA GLN A 40 4.75 0.42 -0.15
C GLN A 40 5.46 -0.87 0.24
N SER A 41 5.52 -1.15 1.53
CA SER A 41 6.17 -2.34 2.04
C SER A 41 5.42 -3.59 1.57
N GLN A 42 4.12 -3.63 1.82
CA GLN A 42 3.31 -4.76 1.37
C GLN A 42 3.12 -4.72 -0.14
N LEU A 43 3.15 -3.52 -0.71
CA LEU A 43 3.18 -3.38 -2.16
C LEU A 43 4.34 -4.16 -2.75
N GLU A 44 5.55 -3.87 -2.27
CA GLU A 44 6.75 -4.55 -2.72
C GLU A 44 6.69 -6.03 -2.40
N ALA A 45 6.21 -6.35 -1.21
CA ALA A 45 6.07 -7.74 -0.76
C ALA A 45 5.21 -8.53 -1.74
N THR A 46 4.03 -8.02 -2.04
CA THR A 46 3.13 -8.68 -2.97
C THR A 46 3.75 -8.76 -4.36
N LYS A 47 4.34 -7.65 -4.80
CA LYS A 47 5.06 -7.60 -6.07
C LYS A 47 6.09 -8.72 -6.17
N ASN A 48 6.72 -9.05 -5.06
CA ASN A 48 7.72 -10.12 -5.03
C ASN A 48 7.03 -11.48 -5.00
N LEU A 49 5.97 -11.58 -4.21
CA LEU A 49 5.25 -12.83 -4.03
C LEU A 49 4.59 -13.30 -5.32
N ILE A 50 4.07 -12.36 -6.10
CA ILE A 50 3.36 -12.71 -7.34
C ILE A 50 4.31 -13.37 -8.35
N GLY A 51 5.59 -13.06 -8.24
CA GLY A 51 6.58 -13.64 -9.12
C GLY A 51 7.39 -14.74 -8.44
N ASP A 52 7.23 -14.87 -7.14
CA ASP A 52 7.94 -15.89 -6.38
C ASP A 52 7.22 -17.24 -6.45
N PRO A 53 7.93 -18.29 -6.88
CA PRO A 53 7.38 -19.64 -7.02
C PRO A 53 7.10 -20.31 -5.68
N ASN A 54 7.77 -19.84 -4.63
CA ASN A 54 7.59 -20.39 -3.29
C ASN A 54 6.32 -19.81 -2.67
N ALA A 55 6.04 -18.55 -3.00
CA ALA A 55 4.83 -17.89 -2.57
C ALA A 55 3.61 -18.55 -3.19
N THR A 56 2.60 -18.79 -2.37
CA THR A 56 1.40 -19.47 -2.82
C THR A 56 0.27 -18.45 -3.03
N VAL A 57 -0.87 -18.91 -3.51
CA VAL A 57 -2.00 -18.02 -3.71
C VAL A 57 -2.49 -17.46 -2.38
N ALA A 58 -2.37 -18.26 -1.33
CA ALA A 58 -2.71 -17.82 0.02
C ALA A 58 -1.73 -16.75 0.47
N ASP A 59 -0.45 -16.92 0.17
CA ASP A 59 0.55 -15.90 0.47
C ASP A 59 0.18 -14.60 -0.22
N LEU A 60 -0.20 -14.71 -1.48
CA LEU A 60 -0.65 -13.56 -2.26
C LEU A 60 -1.87 -12.90 -1.62
N GLN A 61 -2.87 -13.71 -1.30
CA GLN A 61 -4.09 -13.20 -0.70
C GLN A 61 -3.81 -12.54 0.65
N ILE A 62 -2.94 -13.15 1.44
CA ILE A 62 -2.56 -12.60 2.73
C ILE A 62 -1.81 -11.29 2.54
N ALA A 63 -0.89 -11.25 1.60
CA ALA A 63 -0.20 -10.03 1.26
C ALA A 63 -1.20 -8.97 0.84
N TYR A 64 -2.15 -9.37 0.02
CA TYR A 64 -3.25 -8.51 -0.41
C TYR A 64 -4.09 -8.05 0.78
N THR A 65 -4.25 -8.93 1.75
CA THR A 65 -5.06 -8.62 2.94
C THR A 65 -4.42 -7.50 3.75
N THR A 66 -3.16 -7.68 4.10
CA THR A 66 -2.43 -6.67 4.84
C THR A 66 -2.22 -5.42 3.99
N LEU A 67 -1.92 -5.59 2.71
CA LEU A 67 -1.83 -4.45 1.80
C LEU A 67 -3.17 -3.72 1.76
N GLY A 68 -4.24 -4.48 1.66
CA GLY A 68 -5.58 -3.93 1.72
C GLY A 68 -5.80 -3.11 2.98
N ASN A 69 -5.42 -3.65 4.13
CA ASN A 69 -5.53 -2.91 5.38
C ASN A 69 -4.66 -1.66 5.35
N ASN A 70 -3.44 -1.80 4.86
CA ASN A 70 -2.51 -0.69 4.79
C ASN A 70 -3.00 0.40 3.85
N THR A 71 -3.59 0.01 2.72
CA THR A 71 -4.13 0.99 1.79
C THR A 71 -5.40 1.62 2.35
N GLN A 72 -6.23 0.80 2.97
CA GLN A 72 -7.42 1.28 3.67
C GLN A 72 -7.05 2.28 4.76
N ALA A 73 -5.96 1.99 5.46
CA ALA A 73 -5.48 2.84 6.54
C ALA A 73 -4.80 4.09 5.99
N LEU A 74 -3.88 3.88 5.06
CA LEU A 74 -3.18 4.97 4.38
C LEU A 74 -4.18 5.87 3.66
N GLY A 75 -5.09 5.25 2.92
CA GLY A 75 -6.17 5.98 2.28
C GLY A 75 -6.97 6.79 3.28
N ASN A 76 -7.25 6.19 4.44
CA ASN A 76 -7.92 6.91 5.51
C ASN A 76 -7.10 8.12 5.95
N GLU A 77 -5.79 7.94 6.06
CA GLU A 77 -4.89 9.04 6.43
C GLU A 77 -4.89 10.14 5.37
N LEU A 78 -5.13 9.77 4.13
CA LEU A 78 -5.15 10.74 3.03
C LEU A 78 -6.45 11.52 3.03
N ILE A 79 -7.51 10.90 3.53
CA ILE A 79 -8.82 11.52 3.56
C ILE A 79 -9.05 12.27 4.88
N LYS A 80 -8.42 11.78 5.93
CA LYS A 80 -8.58 12.33 7.27
C LYS A 80 -7.86 13.66 7.42
N LEU A 81 -8.48 14.70 6.89
CA LEU A 81 -7.98 16.06 7.02
C LEU A 81 -9.03 16.92 7.70
#